data_5XW4
#
_entry.id   5XW4
#
_cell.length_a   82.850
_cell.length_b   95.130
_cell.length_c   137.760
_cell.angle_alpha   90.000
_cell.angle_beta   90.000
_cell.angle_gamma   90.000
#
_symmetry.space_group_name_H-M   'P 21 21 21'
#
loop_
_entity.id
_entity.type
_entity.pdbx_description
1 polymer 'Tyrosine-protein phosphatase CDC14'
2 water water
#
_entity_poly.entity_id   1
_entity_poly.type   'polypeptide(L)'
_entity_poly.pdbx_seq_one_letter_code
;MGSSHHHHHHSQDPNSSSARLQVDKLDYDIPTTENLYFQGSMRRSVYLDNTIEFLRGRVYLGAYDYTPEDTDELVFFTVE
DAIFYNSFHLDFGPMNIGHLYRFAVIFHEILNDPENANKAVVFYSSASTRQRANAACMLCCYMILVQAWTPHQVLQPLAQ
VDPPFMPFRDAGYSNADFEITIQDVVYGVWRAKEKGLIDLHSFNLESYEKYEHVEFGDFNVLTPDFIAFASPQEDHPKGY
LATKSSHLNQPFKSVLNFFANNNVQLVVRLNSHLYNKKHFEDIGIQHLDLIFEDGTCPDLSIVKNFVGAAETIIKRGGKI
AVHCKAGLGRTGCLIGAHLIYTYGFTANECIGFLRFIRPGMVVGPQQHWLYLHQNDFREWKYTTRISLKPSEAIGGLYPL
ISLEEYRLQKKKLKD
;
_entity_poly.pdbx_strand_id   A,B
#
# COMPACT_ATOMS: atom_id res chain seq x y z
N ILE A 30 13.46 0.94 -29.56
CA ILE A 30 14.01 -0.20 -28.83
C ILE A 30 14.19 -1.39 -29.77
N PRO A 31 15.44 -1.82 -29.97
CA PRO A 31 15.68 -2.97 -30.84
C PRO A 31 15.09 -4.24 -30.23
N THR A 32 14.71 -5.16 -31.12
CA THR A 32 14.24 -6.46 -30.66
C THR A 32 15.39 -7.23 -30.00
N THR A 33 15.05 -8.05 -29.01
CA THR A 33 16.05 -8.82 -28.29
C THR A 33 15.43 -10.15 -27.89
N GLU A 34 16.25 -11.01 -27.28
CA GLU A 34 15.77 -12.29 -26.80
C GLU A 34 14.58 -12.11 -25.87
N ASN A 35 13.58 -12.97 -26.03
CA ASN A 35 12.30 -12.84 -25.35
C ASN A 35 12.40 -13.49 -23.98
N LEU A 36 12.31 -12.68 -22.92
CA LEU A 36 12.45 -13.17 -21.55
C LEU A 36 11.11 -13.50 -20.88
N TYR A 37 10.02 -13.53 -21.64
CA TYR A 37 8.74 -13.99 -21.09
C TYR A 37 8.62 -15.51 -21.17
N PHE A 38 8.89 -16.09 -22.33
CA PHE A 38 8.75 -17.53 -22.51
C PHE A 38 9.86 -18.28 -21.78
N GLN A 39 9.59 -19.53 -21.42
CA GLN A 39 10.48 -20.32 -20.57
C GLN A 39 11.93 -20.24 -21.04
N GLY A 40 12.14 -20.14 -22.34
CA GLY A 40 13.48 -19.89 -22.84
C GLY A 40 14.40 -21.10 -22.67
N SER A 41 15.67 -20.82 -22.44
CA SER A 41 16.71 -21.83 -22.43
C SER A 41 17.17 -22.12 -21.00
N MET A 42 17.26 -23.39 -20.68
CA MET A 42 17.74 -23.87 -19.39
C MET A 42 19.19 -23.47 -19.17
N ARG A 43 19.42 -22.48 -18.31
CA ARG A 43 20.73 -21.90 -18.10
C ARG A 43 21.15 -22.03 -16.65
N ARG A 44 22.45 -22.15 -16.42
CA ARG A 44 22.99 -22.43 -15.10
C ARG A 44 23.08 -21.15 -14.27
N SER A 45 22.75 -21.28 -12.98
CA SER A 45 22.78 -20.14 -12.07
C SER A 45 24.21 -19.68 -11.82
N VAL A 46 24.38 -18.37 -11.69
CA VAL A 46 25.62 -17.77 -11.23
C VAL A 46 25.40 -17.26 -9.82
N TYR A 47 26.49 -17.15 -9.06
CA TYR A 47 26.43 -16.69 -7.68
C TYR A 47 27.52 -15.66 -7.44
N LEU A 48 27.12 -14.45 -7.06
CA LEU A 48 28.03 -13.38 -6.71
C LEU A 48 27.48 -12.65 -5.49
N ASP A 49 28.38 -12.14 -4.67
CA ASP A 49 27.96 -11.38 -3.50
C ASP A 49 27.46 -10.00 -3.93
N ASN A 50 26.54 -9.46 -3.12
CA ASN A 50 25.87 -8.20 -3.42
C ASN A 50 25.18 -8.23 -4.78
N THR A 51 24.63 -9.38 -5.15
CA THR A 51 23.99 -9.56 -6.45
C THR A 51 22.69 -10.32 -6.28
N ILE A 52 21.62 -9.81 -6.90
CA ILE A 52 20.30 -10.42 -6.87
C ILE A 52 20.03 -11.03 -8.23
N GLU A 53 19.45 -12.24 -8.23
CA GLU A 53 19.13 -12.94 -9.47
C GLU A 53 17.70 -12.60 -9.91
N PHE A 54 17.56 -12.11 -11.13
CA PHE A 54 16.25 -11.89 -11.74
C PHE A 54 15.87 -13.02 -12.69
N LEU A 55 16.81 -13.42 -13.56
CA LEU A 55 16.62 -14.53 -14.48
C LEU A 55 17.86 -15.40 -14.40
N ARG A 56 17.68 -16.65 -13.99
CA ARG A 56 18.81 -17.54 -13.71
C ARG A 56 19.76 -17.61 -14.90
N GLY A 57 21.03 -17.35 -14.63
CA GLY A 57 22.07 -17.39 -15.63
C GLY A 57 22.06 -16.28 -16.66
N ARG A 58 21.16 -15.29 -16.54
CA ARG A 58 21.04 -14.31 -17.62
C ARG A 58 20.95 -12.86 -17.14
N VAL A 59 20.17 -12.58 -16.10
CA VAL A 59 19.93 -11.20 -15.66
C VAL A 59 20.12 -11.10 -14.16
N TYR A 60 21.09 -10.29 -13.74
CA TYR A 60 21.40 -10.06 -12.33
C TYR A 60 21.46 -8.57 -12.03
N LEU A 61 21.20 -8.22 -10.76
CA LEU A 61 21.23 -6.85 -10.29
C LEU A 61 22.26 -6.76 -9.17
N GLY A 62 23.32 -5.98 -9.39
CA GLY A 62 24.39 -5.84 -8.43
C GLY A 62 24.50 -4.43 -7.88
N ALA A 63 25.29 -4.29 -6.81
CA ALA A 63 25.56 -3.00 -6.19
C ALA A 63 27.01 -3.02 -5.73
N TYR A 64 27.84 -2.17 -6.36
CA TYR A 64 29.27 -2.15 -6.09
C TYR A 64 29.77 -0.71 -6.08
N ASP A 65 30.67 -0.41 -5.14
CA ASP A 65 31.32 0.90 -5.07
C ASP A 65 32.57 0.97 -5.95
N TYR A 66 32.88 -0.10 -6.67
CA TYR A 66 33.97 -0.15 -7.62
C TYR A 66 33.42 -0.52 -9.00
N THR A 67 34.30 -0.60 -9.99
CA THR A 67 33.90 -1.02 -11.32
C THR A 67 34.30 -2.46 -11.53
N PRO A 68 33.36 -3.42 -11.51
CA PRO A 68 33.74 -4.82 -11.70
C PRO A 68 34.25 -5.06 -13.10
N GLU A 69 35.08 -6.11 -13.23
CA GLU A 69 35.67 -6.47 -14.51
C GLU A 69 34.84 -7.57 -15.17
N ASP A 70 34.62 -7.42 -16.47
CA ASP A 70 33.93 -8.45 -17.22
C ASP A 70 34.77 -9.72 -17.27
N THR A 71 34.12 -10.86 -17.09
CA THR A 71 34.74 -12.16 -17.20
C THR A 71 34.39 -12.75 -18.57
N ASP A 72 34.62 -14.05 -18.72
CA ASP A 72 34.10 -14.78 -19.87
C ASP A 72 32.70 -15.30 -19.63
N GLU A 73 32.23 -15.26 -18.38
CA GLU A 73 30.87 -15.66 -18.03
C GLU A 73 29.99 -14.48 -17.61
N LEU A 74 30.55 -13.29 -17.45
CA LEU A 74 29.83 -12.16 -16.89
C LEU A 74 30.16 -10.88 -17.64
N VAL A 75 29.12 -10.09 -17.94
CA VAL A 75 29.29 -8.74 -18.44
C VAL A 75 28.51 -7.80 -17.52
N PHE A 76 29.19 -6.77 -17.01
CA PHE A 76 28.59 -5.81 -16.10
C PHE A 76 28.32 -4.50 -16.84
N PHE A 77 27.24 -3.82 -16.46
CA PHE A 77 27.01 -2.47 -16.97
C PHE A 77 26.21 -1.66 -15.96
N THR A 78 26.49 -0.37 -15.93
CA THR A 78 25.77 0.62 -15.15
C THR A 78 25.41 1.78 -16.05
N VAL A 79 24.34 2.49 -15.71
CA VAL A 79 23.94 3.67 -16.45
C VAL A 79 24.00 4.93 -15.60
N GLU A 80 24.57 4.82 -14.39
CA GLU A 80 24.70 5.97 -13.49
C GLU A 80 25.56 7.08 -14.10
N ASP A 81 26.43 6.75 -15.03
CA ASP A 81 27.29 7.71 -15.69
C ASP A 81 26.60 8.47 -16.81
N ALA A 82 25.38 8.08 -17.18
CA ALA A 82 24.74 8.59 -18.39
C ALA A 82 23.26 8.90 -18.23
N ILE A 83 22.56 8.30 -17.27
CA ILE A 83 21.14 8.50 -17.08
C ILE A 83 20.96 9.10 -15.69
N PHE A 84 20.57 10.37 -15.65
CA PHE A 84 20.61 11.18 -14.42
C PHE A 84 19.19 11.55 -13.99
N TYR A 85 18.83 11.19 -12.75
CA TYR A 85 17.64 11.77 -12.14
C TYR A 85 17.96 13.21 -11.73
N ASN A 86 17.06 14.13 -12.09
CA ASN A 86 17.25 15.57 -11.85
C ASN A 86 16.34 16.00 -10.70
N SER A 87 16.88 16.02 -9.50
CA SER A 87 16.09 16.21 -8.29
C SER A 87 15.62 17.66 -8.16
N PHE A 88 14.40 17.83 -7.65
CA PHE A 88 13.90 19.16 -7.32
C PHE A 88 14.47 19.64 -6.00
N HIS A 89 14.38 18.80 -4.96
CA HIS A 89 14.94 19.13 -3.66
C HIS A 89 15.66 17.92 -3.09
N LEU A 90 14.96 17.08 -2.33
CA LEU A 90 15.54 15.88 -1.75
C LEU A 90 14.97 14.60 -2.35
N ASP A 91 13.99 14.71 -3.26
CA ASP A 91 13.59 13.57 -4.06
C ASP A 91 14.79 13.02 -4.82
N PHE A 92 14.83 11.71 -5.00
CA PHE A 92 15.94 11.07 -5.69
C PHE A 92 15.50 10.09 -6.76
N GLY A 93 14.19 9.88 -6.92
CA GLY A 93 13.68 8.89 -7.82
C GLY A 93 12.19 8.70 -7.59
N PRO A 94 11.56 7.75 -8.31
CA PRO A 94 12.19 6.80 -9.24
C PRO A 94 12.60 7.39 -10.58
N MET A 95 13.40 6.64 -11.33
CA MET A 95 13.71 7.00 -12.70
C MET A 95 12.43 7.03 -13.53
N ASN A 96 12.40 7.91 -14.53
CA ASN A 96 11.17 8.12 -15.29
C ASN A 96 11.16 7.27 -16.56
N ILE A 97 10.08 7.42 -17.33
CA ILE A 97 9.86 6.56 -18.50
C ILE A 97 10.89 6.85 -19.59
N GLY A 98 11.34 8.10 -19.70
CA GLY A 98 12.40 8.39 -20.64
C GLY A 98 13.71 7.73 -20.24
N HIS A 99 14.04 7.80 -18.94
CA HIS A 99 15.18 7.06 -18.41
C HIS A 99 15.07 5.58 -18.73
N LEU A 100 13.90 5.00 -18.46
CA LEU A 100 13.69 3.57 -18.68
C LEU A 100 13.86 3.22 -20.16
N TYR A 101 13.31 4.03 -21.05
CA TYR A 101 13.44 3.79 -22.48
C TYR A 101 14.91 3.74 -22.88
N ARG A 102 15.71 4.70 -22.41
CA ARG A 102 17.12 4.72 -22.73
C ARG A 102 17.85 3.53 -22.12
N PHE A 103 17.48 3.15 -20.90
CA PHE A 103 18.05 1.94 -20.29
C PHE A 103 17.75 0.72 -21.15
N ALA A 104 16.51 0.61 -21.66
CA ALA A 104 16.14 -0.56 -22.46
C ALA A 104 17.01 -0.67 -23.70
N VAL A 105 17.29 0.45 -24.36
CA VAL A 105 18.12 0.41 -25.56
C VAL A 105 19.53 -0.07 -25.22
N ILE A 106 20.09 0.48 -24.13
CA ILE A 106 21.43 0.06 -23.71
C ILE A 106 21.42 -1.41 -23.32
N PHE A 107 20.41 -1.82 -22.55
CA PHE A 107 20.30 -3.21 -22.12
C PHE A 107 20.22 -4.15 -23.33
N HIS A 108 19.37 -3.83 -24.29
CA HIS A 108 19.19 -4.71 -25.45
C HIS A 108 20.47 -4.78 -26.29
N GLU A 109 21.17 -3.64 -26.42
CA GLU A 109 22.46 -3.65 -27.10
C GLU A 109 23.41 -4.66 -26.47
N ILE A 110 23.47 -4.68 -25.15
CA ILE A 110 24.34 -5.63 -24.44
C ILE A 110 23.84 -7.06 -24.63
N LEU A 111 22.51 -7.25 -24.57
CA LEU A 111 21.96 -8.59 -24.71
C LEU A 111 22.13 -9.14 -26.12
N ASN A 112 22.13 -8.26 -27.13
CA ASN A 112 22.21 -8.69 -28.52
C ASN A 112 23.64 -8.84 -29.02
N ASP A 113 24.62 -8.38 -28.25
CA ASP A 113 26.02 -8.50 -28.65
C ASP A 113 26.41 -9.98 -28.72
N PRO A 114 26.92 -10.46 -29.86
CA PRO A 114 27.32 -11.88 -29.93
C PRO A 114 28.39 -12.24 -28.91
N GLU A 115 29.27 -11.31 -28.55
CA GLU A 115 30.29 -11.57 -27.55
C GLU A 115 29.72 -11.88 -26.18
N ASN A 116 28.43 -11.63 -25.96
CA ASN A 116 27.80 -11.84 -24.65
C ASN A 116 26.82 -13.01 -24.67
N ALA A 117 26.82 -13.82 -25.72
CA ALA A 117 25.77 -14.81 -25.90
C ALA A 117 25.74 -15.86 -24.79
N ASN A 118 26.89 -16.12 -24.17
CA ASN A 118 26.97 -17.12 -23.11
C ASN A 118 27.45 -16.51 -21.80
N LYS A 119 27.03 -15.28 -21.52
CA LYS A 119 27.35 -14.62 -20.28
C LYS A 119 26.07 -14.27 -19.53
N ALA A 120 26.22 -14.06 -18.23
CA ALA A 120 25.19 -13.43 -17.43
C ALA A 120 25.40 -11.92 -17.47
N VAL A 121 24.33 -11.16 -17.70
CA VAL A 121 24.39 -9.72 -17.66
C VAL A 121 24.08 -9.25 -16.24
N VAL A 122 24.96 -8.43 -15.69
CA VAL A 122 24.80 -7.89 -14.34
C VAL A 122 24.62 -6.39 -14.47
N PHE A 123 23.38 -5.92 -14.35
CA PHE A 123 23.10 -4.50 -14.23
C PHE A 123 23.43 -4.06 -12.80
N TYR A 124 24.14 -2.95 -12.66
CA TYR A 124 24.55 -2.57 -11.31
C TYR A 124 24.52 -1.05 -11.12
N SER A 125 24.50 -0.67 -9.86
CA SER A 125 24.57 0.71 -9.40
C SER A 125 25.67 0.80 -8.36
N SER A 126 25.90 2.01 -7.86
CA SER A 126 26.69 2.18 -6.65
C SER A 126 25.91 1.61 -5.46
N ALA A 127 26.53 1.66 -4.29
CA ALA A 127 26.01 0.93 -3.14
C ALA A 127 25.08 1.74 -2.24
N SER A 128 24.83 3.01 -2.54
CA SER A 128 23.92 3.78 -1.71
C SER A 128 22.51 3.21 -1.81
N THR A 129 21.73 3.36 -0.74
CA THR A 129 20.38 2.81 -0.74
C THR A 129 19.47 3.55 -1.73
N ARG A 130 19.78 4.81 -2.05
CA ARG A 130 18.98 5.55 -3.02
C ARG A 130 19.29 5.11 -4.44
N GLN A 131 20.58 4.95 -4.78
CA GLN A 131 20.93 4.53 -6.13
C GLN A 131 20.52 3.09 -6.39
N ARG A 132 20.60 2.24 -5.36
CA ARG A 132 20.11 0.87 -5.50
C ARG A 132 18.60 0.86 -5.71
N ALA A 133 17.87 1.74 -5.00
CA ALA A 133 16.43 1.81 -5.21
C ALA A 133 16.12 2.18 -6.65
N ASN A 134 16.83 3.17 -7.20
CA ASN A 134 16.56 3.60 -8.57
C ASN A 134 16.87 2.49 -9.56
N ALA A 135 18.00 1.80 -9.38
CA ALA A 135 18.37 0.75 -10.32
C ALA A 135 17.39 -0.41 -10.26
N ALA A 136 17.03 -0.84 -9.04
CA ALA A 136 16.11 -1.96 -8.90
C ALA A 136 14.75 -1.63 -9.48
N CYS A 137 14.24 -0.43 -9.19
CA CYS A 137 12.92 -0.05 -9.67
C CYS A 137 12.91 0.06 -11.20
N MET A 138 13.98 0.61 -11.78
CA MET A 138 14.05 0.72 -13.23
C MET A 138 14.08 -0.66 -13.89
N LEU A 139 14.85 -1.60 -13.31
CA LEU A 139 14.87 -2.95 -13.88
C LEU A 139 13.51 -3.62 -13.76
N CYS A 140 12.81 -3.41 -12.65
CA CYS A 140 11.46 -3.95 -12.50
C CYS A 140 10.51 -3.35 -13.52
N CYS A 141 10.54 -2.02 -13.67
CA CYS A 141 9.68 -1.38 -14.66
C CYS A 141 10.03 -1.86 -16.06
N TYR A 142 11.30 -2.13 -16.33
CA TYR A 142 11.67 -2.70 -17.63
C TYR A 142 11.02 -4.07 -17.83
N MET A 143 11.10 -4.95 -16.82
CA MET A 143 10.53 -6.28 -16.98
C MET A 143 9.02 -6.21 -17.15
N ILE A 144 8.36 -5.30 -16.42
CA ILE A 144 6.92 -5.10 -16.55
C ILE A 144 6.56 -4.62 -17.95
N LEU A 145 7.24 -3.57 -18.42
CA LEU A 145 6.80 -2.90 -19.63
C LEU A 145 7.32 -3.55 -20.91
N VAL A 146 8.49 -4.17 -20.87
CA VAL A 146 9.11 -4.66 -22.09
C VAL A 146 8.97 -6.18 -22.21
N GLN A 147 9.02 -6.88 -21.07
CA GLN A 147 9.03 -8.34 -21.06
C GLN A 147 7.76 -8.96 -20.50
N ALA A 148 6.75 -8.15 -20.18
CA ALA A 148 5.42 -8.63 -19.78
C ALA A 148 5.45 -9.46 -18.49
N TRP A 149 6.43 -9.23 -17.63
CA TRP A 149 6.39 -9.83 -16.29
C TRP A 149 5.26 -9.20 -15.47
N THR A 150 4.85 -9.93 -14.43
CA THR A 150 3.83 -9.47 -13.50
C THR A 150 4.46 -8.93 -12.23
N PRO A 151 3.73 -8.16 -11.42
CA PRO A 151 4.34 -7.58 -10.22
C PRO A 151 4.97 -8.60 -9.29
N HIS A 152 4.29 -9.71 -8.98
CA HIS A 152 4.92 -10.63 -8.04
C HIS A 152 6.18 -11.25 -8.61
N GLN A 153 6.32 -11.31 -9.94
CA GLN A 153 7.54 -11.84 -10.55
C GLN A 153 8.72 -10.87 -10.41
N VAL A 154 8.50 -9.58 -10.61
CA VAL A 154 9.63 -8.66 -10.48
C VAL A 154 9.91 -8.31 -9.02
N LEU A 155 8.94 -8.49 -8.13
CA LEU A 155 9.14 -8.10 -6.74
C LEU A 155 9.77 -9.19 -5.91
N GLN A 156 9.60 -10.46 -6.29
CA GLN A 156 10.18 -11.55 -5.52
C GLN A 156 11.71 -11.43 -5.37
N PRO A 157 12.48 -11.09 -6.42
CA PRO A 157 13.92 -10.96 -6.22
C PRO A 157 14.31 -9.85 -5.25
N LEU A 158 13.46 -8.83 -5.10
CA LEU A 158 13.79 -7.66 -4.29
C LEU A 158 13.34 -7.76 -2.85
N ALA A 159 12.46 -8.70 -2.52
CA ALA A 159 11.87 -8.74 -1.19
C ALA A 159 12.92 -9.10 -0.14
N GLN A 160 12.94 -8.33 0.96
CA GLN A 160 13.75 -8.63 2.14
C GLN A 160 15.25 -8.52 1.86
N VAL A 161 15.63 -7.70 0.89
CA VAL A 161 17.06 -7.47 0.64
C VAL A 161 17.63 -6.64 1.78
N ASP A 162 18.83 -7.00 2.23
CA ASP A 162 19.51 -6.28 3.29
C ASP A 162 20.82 -5.74 2.77
N PRO A 163 21.09 -4.43 2.86
CA PRO A 163 20.19 -3.43 3.44
C PRO A 163 19.01 -3.13 2.52
N PRO A 164 17.90 -2.66 3.08
CA PRO A 164 16.72 -2.38 2.26
C PRO A 164 16.95 -1.19 1.33
N PHE A 165 16.13 -1.11 0.30
CA PHE A 165 16.15 0.06 -0.57
C PHE A 165 15.55 1.27 0.13
N MET A 166 16.05 2.44 -0.20
CA MET A 166 15.47 3.66 0.35
C MET A 166 14.10 3.87 -0.28
N PRO A 167 13.03 3.99 0.51
CA PRO A 167 11.73 4.34 -0.08
C PRO A 167 11.79 5.71 -0.74
N PHE A 168 10.90 5.92 -1.71
CA PHE A 168 10.87 7.19 -2.45
C PHE A 168 10.11 8.26 -1.70
N ARG A 169 10.66 9.48 -1.68
CA ARG A 169 10.03 10.63 -1.05
C ARG A 169 9.60 11.66 -2.09
N ASP A 170 8.82 12.65 -1.63
CA ASP A 170 8.27 13.67 -2.50
C ASP A 170 9.33 14.74 -2.82
N ALA A 171 8.95 15.69 -3.66
CA ALA A 171 9.85 16.73 -4.16
C ALA A 171 9.69 18.06 -3.43
N GLY A 172 8.88 18.11 -2.38
CA GLY A 172 8.63 19.36 -1.67
C GLY A 172 9.71 19.71 -0.66
N TYR A 173 9.53 20.87 -0.02
CA TYR A 173 10.52 21.42 0.88
C TYR A 173 10.29 21.10 2.35
N SER A 174 9.13 20.56 2.71
CA SER A 174 8.94 20.15 4.09
C SER A 174 9.62 18.80 4.34
N ASN A 175 9.77 18.46 5.61
CA ASN A 175 10.34 17.17 5.96
C ASN A 175 9.42 16.06 5.44
N ALA A 176 10.03 15.00 4.91
CA ALA A 176 9.26 13.89 4.39
C ALA A 176 8.42 13.25 5.48
N ASP A 177 7.18 12.89 5.14
CA ASP A 177 6.29 12.19 6.06
C ASP A 177 5.44 11.14 5.35
N PHE A 178 5.77 10.81 4.11
CA PHE A 178 5.00 9.89 3.28
C PHE A 178 5.97 9.29 2.28
N GLU A 179 5.96 7.96 2.17
CA GLU A 179 6.87 7.27 1.26
C GLU A 179 6.07 6.34 0.36
N ILE A 180 6.55 6.18 -0.87
CA ILE A 180 6.06 5.12 -1.73
C ILE A 180 7.22 4.17 -2.00
N THR A 181 6.89 2.91 -2.28
CA THR A 181 7.90 1.87 -2.41
C THR A 181 8.02 1.44 -3.87
N ILE A 182 9.03 0.60 -4.12
CA ILE A 182 9.13 -0.03 -5.43
C ILE A 182 7.87 -0.85 -5.71
N GLN A 183 7.33 -1.50 -4.69
CA GLN A 183 6.09 -2.26 -4.84
C GLN A 183 4.96 -1.36 -5.36
N ASP A 184 4.82 -0.16 -4.77
CA ASP A 184 3.84 0.81 -5.24
C ASP A 184 4.10 1.21 -6.69
N VAL A 185 5.36 1.53 -7.02
CA VAL A 185 5.66 1.99 -8.37
C VAL A 185 5.42 0.87 -9.38
N VAL A 186 5.87 -0.34 -9.06
CA VAL A 186 5.68 -1.47 -9.95
C VAL A 186 4.20 -1.74 -10.20
N TYR A 187 3.41 -1.76 -9.12
CA TYR A 187 1.99 -2.02 -9.28
C TYR A 187 1.28 -0.91 -10.06
N GLY A 188 1.70 0.35 -9.84
CA GLY A 188 1.08 1.44 -10.58
C GLY A 188 1.45 1.44 -12.04
N VAL A 189 2.72 1.18 -12.35
CA VAL A 189 3.16 1.11 -13.74
C VAL A 189 2.51 -0.08 -14.45
N TRP A 190 2.43 -1.22 -13.76
CA TRP A 190 1.78 -2.39 -14.34
C TRP A 190 0.30 -2.12 -14.60
N ARG A 191 -0.41 -1.53 -13.64
CA ARG A 191 -1.82 -1.20 -13.85
C ARG A 191 -1.99 -0.22 -15.00
N ALA A 192 -1.15 0.82 -15.04
CA ALA A 192 -1.18 1.77 -16.14
C ALA A 192 -1.02 1.06 -17.48
N LYS A 193 -0.05 0.14 -17.58
CA LYS A 193 0.14 -0.62 -18.80
C LYS A 193 -1.10 -1.45 -19.14
N GLU A 194 -1.68 -2.11 -18.12
CA GLU A 194 -2.87 -2.93 -18.35
C GLU A 194 -4.06 -2.11 -18.83
N LYS A 195 -4.16 -0.86 -18.40
CA LYS A 195 -5.24 0.02 -18.82
C LYS A 195 -4.95 0.76 -20.11
N GLY A 196 -3.81 0.50 -20.75
CA GLY A 196 -3.48 1.15 -21.99
C GLY A 196 -2.97 2.56 -21.87
N LEU A 197 -2.45 2.94 -20.69
CA LEU A 197 -1.94 4.29 -20.49
C LEU A 197 -0.45 4.41 -20.79
N ILE A 198 0.28 3.30 -20.82
CA ILE A 198 1.68 3.26 -21.22
C ILE A 198 1.81 2.30 -22.39
N ASP A 199 2.52 2.72 -23.42
CA ASP A 199 2.74 1.88 -24.60
C ASP A 199 4.10 2.27 -25.16
N LEU A 200 5.13 1.51 -24.78
CA LEU A 200 6.49 1.84 -25.21
C LEU A 200 6.69 1.71 -26.72
N HIS A 201 5.80 0.99 -27.41
CA HIS A 201 5.93 0.85 -28.85
C HIS A 201 5.65 2.18 -29.56
N SER A 202 4.74 2.98 -29.03
CA SER A 202 4.43 4.29 -29.59
C SER A 202 5.06 5.43 -28.82
N PHE A 203 5.83 5.13 -27.77
CA PHE A 203 6.46 6.17 -26.98
C PHE A 203 7.51 6.90 -27.80
N ASN A 204 7.40 8.23 -27.82
CA ASN A 204 8.27 9.11 -28.61
C ASN A 204 9.26 9.76 -27.64
N LEU A 205 10.46 9.16 -27.53
CA LEU A 205 11.44 9.64 -26.57
C LEU A 205 11.86 11.08 -26.85
N GLU A 206 12.05 11.43 -28.12
CA GLU A 206 12.54 12.75 -28.44
C GLU A 206 11.52 13.82 -28.08
N SER A 207 10.24 13.57 -28.33
CA SER A 207 9.19 14.49 -27.90
C SER A 207 9.14 14.58 -26.37
N TYR A 208 9.20 13.43 -25.70
CA TYR A 208 9.17 13.41 -24.24
C TYR A 208 10.28 14.29 -23.66
N GLU A 209 11.52 14.08 -24.12
CA GLU A 209 12.65 14.79 -23.55
C GLU A 209 12.60 16.28 -23.90
N LYS A 210 12.15 16.61 -25.10
CA LYS A 210 12.14 18.01 -25.51
C LYS A 210 11.22 18.84 -24.64
N TYR A 211 9.97 18.41 -24.50
CA TYR A 211 8.95 19.26 -23.89
C TYR A 211 9.02 19.30 -22.38
N GLU A 212 9.77 18.43 -21.72
CA GLU A 212 9.93 18.65 -20.29
C GLU A 212 10.99 19.72 -19.98
N HIS A 213 11.73 20.19 -20.98
CA HIS A 213 12.63 21.33 -20.78
C HIS A 213 11.84 22.59 -20.49
N VAL A 214 12.40 23.44 -19.61
CA VAL A 214 11.74 24.69 -19.25
C VAL A 214 11.49 25.55 -20.49
N GLU A 215 12.47 25.61 -21.40
CA GLU A 215 12.36 26.53 -22.52
C GLU A 215 11.34 26.06 -23.56
N PHE A 216 10.84 24.83 -23.47
CA PHE A 216 9.82 24.34 -24.40
C PHE A 216 8.47 24.12 -23.73
N GLY A 217 8.33 24.51 -22.45
CA GLY A 217 7.04 24.52 -21.79
C GLY A 217 6.95 23.71 -20.52
N ASP A 218 7.94 22.86 -20.23
CA ASP A 218 7.95 22.03 -19.02
C ASP A 218 6.63 21.29 -18.85
N PHE A 219 6.31 20.43 -19.82
CA PHE A 219 5.11 19.61 -19.72
C PHE A 219 5.41 18.17 -20.09
N ASN A 220 4.49 17.30 -19.66
CA ASN A 220 4.49 15.89 -20.04
C ASN A 220 3.07 15.51 -20.41
N VAL A 221 2.92 14.75 -21.49
CA VAL A 221 1.68 14.04 -21.73
C VAL A 221 1.64 12.85 -20.78
N LEU A 222 0.69 12.87 -19.84
CA LEU A 222 0.64 11.83 -18.82
C LEU A 222 -0.07 10.59 -19.30
N THR A 223 -1.21 10.76 -19.96
CA THR A 223 -2.05 9.69 -20.49
C THR A 223 -2.62 10.19 -21.83
N PRO A 224 -3.36 9.37 -22.59
CA PRO A 224 -4.02 9.91 -23.78
C PRO A 224 -5.00 11.04 -23.47
N ASP A 225 -5.39 11.25 -22.22
CA ASP A 225 -6.37 12.27 -21.87
C ASP A 225 -5.77 13.50 -21.20
N PHE A 226 -4.57 13.42 -20.63
CA PHE A 226 -4.11 14.46 -19.71
C PHE A 226 -2.69 14.92 -20.03
N ILE A 227 -2.49 16.24 -19.94
CA ILE A 227 -1.17 16.86 -19.93
C ILE A 227 -1.04 17.63 -18.62
N ALA A 228 0.11 17.50 -17.97
CA ALA A 228 0.45 18.33 -16.83
C ALA A 228 1.58 19.26 -17.23
N PHE A 229 1.45 20.55 -16.95
CA PHE A 229 2.50 21.49 -17.32
C PHE A 229 2.68 22.57 -16.27
N ALA A 230 3.84 23.22 -16.35
CA ALA A 230 4.09 24.41 -15.54
C ALA A 230 3.36 25.60 -16.13
N SER A 231 2.98 26.54 -15.27
CA SER A 231 2.25 27.69 -15.74
C SER A 231 3.10 28.47 -16.72
N PRO A 232 2.56 28.83 -17.89
CA PRO A 232 3.24 29.81 -18.73
C PRO A 232 3.41 31.13 -17.98
N GLN A 233 4.32 31.96 -18.47
CA GLN A 233 4.59 33.26 -17.87
C GLN A 233 4.63 34.31 -18.97
N GLU A 234 3.98 35.44 -18.72
CA GLU A 234 3.84 36.52 -19.68
C GLU A 234 3.99 37.84 -18.96
N ASP A 235 4.92 38.69 -19.42
CA ASP A 235 5.22 39.96 -18.77
C ASP A 235 3.99 40.82 -18.52
N LEU A 248 5.13 36.85 -27.08
CA LEU A 248 5.16 35.78 -26.09
C LEU A 248 6.53 35.10 -26.09
N ASN A 249 6.97 34.62 -24.93
CA ASN A 249 8.28 34.01 -24.88
C ASN A 249 8.24 32.62 -25.53
N GLN A 250 9.42 32.02 -25.65
CA GLN A 250 9.54 30.74 -26.36
C GLN A 250 8.75 29.62 -25.70
N PRO A 251 8.82 29.40 -24.38
CA PRO A 251 8.02 28.29 -23.81
C PRO A 251 6.53 28.47 -23.97
N PHE A 252 6.02 29.71 -23.89
CA PHE A 252 4.59 29.93 -24.11
C PHE A 252 4.21 29.55 -25.54
N LYS A 253 4.97 30.02 -26.54
CA LYS A 253 4.68 29.67 -27.92
C LYS A 253 4.78 28.15 -28.14
N SER A 254 5.77 27.52 -27.53
CA SER A 254 5.91 26.07 -27.67
C SER A 254 4.70 25.34 -27.11
N VAL A 255 4.19 25.80 -25.95
CA VAL A 255 2.99 25.20 -25.37
C VAL A 255 1.79 25.41 -26.28
N LEU A 256 1.61 26.65 -26.75
CA LEU A 256 0.46 26.94 -27.61
C LEU A 256 0.52 26.13 -28.90
N ASN A 257 1.72 25.98 -29.47
CA ASN A 257 1.88 25.20 -30.70
C ASN A 257 1.53 23.73 -30.48
N PHE A 258 2.07 23.13 -29.42
CA PHE A 258 1.80 21.73 -29.15
C PHE A 258 0.32 21.52 -28.83
N PHE A 259 -0.25 22.39 -28.00
CA PHE A 259 -1.64 22.21 -27.58
C PHE A 259 -2.57 22.32 -28.79
N ALA A 260 -2.25 23.21 -29.72
CA ALA A 260 -3.11 23.39 -30.90
C ALA A 260 -3.05 22.18 -31.83
N ASN A 261 -1.94 21.45 -31.83
CA ASN A 261 -1.73 20.33 -32.74
C ASN A 261 -1.97 18.98 -32.10
N ASN A 262 -2.27 18.92 -30.80
CA ASN A 262 -2.40 17.64 -30.11
C ASN A 262 -3.71 17.55 -29.34
N ASN A 263 -4.73 18.28 -29.80
CA ASN A 263 -6.12 18.08 -29.40
C ASN A 263 -6.37 18.39 -27.93
N VAL A 264 -5.63 19.33 -27.35
CA VAL A 264 -6.02 19.88 -26.06
C VAL A 264 -7.26 20.73 -26.26
N GLN A 265 -8.31 20.42 -25.51
CA GLN A 265 -9.56 21.15 -25.64
C GLN A 265 -9.96 21.89 -24.37
N LEU A 266 -9.21 21.72 -23.28
CA LEU A 266 -9.47 22.47 -22.06
C LEU A 266 -8.15 22.64 -21.32
N VAL A 267 -7.86 23.87 -20.92
CA VAL A 267 -6.75 24.19 -20.02
C VAL A 267 -7.33 24.56 -18.68
N VAL A 268 -6.84 23.92 -17.62
CA VAL A 268 -7.30 24.18 -16.26
C VAL A 268 -6.15 24.82 -15.50
N ARG A 269 -6.37 26.02 -14.99
CA ARG A 269 -5.37 26.77 -14.25
C ARG A 269 -5.68 26.70 -12.76
N LEU A 270 -4.68 26.31 -11.97
CA LEU A 270 -4.88 26.12 -10.54
C LEU A 270 -4.16 27.14 -9.66
N ASN A 271 -3.33 28.00 -10.25
CA ASN A 271 -2.56 28.98 -9.49
C ASN A 271 -2.93 30.39 -9.93
N SER A 272 -2.34 31.37 -9.24
CA SER A 272 -2.59 32.77 -9.57
C SER A 272 -2.16 33.07 -11.00
N HIS A 273 -2.72 34.14 -11.57
CA HIS A 273 -2.55 34.43 -12.98
C HIS A 273 -1.15 34.95 -13.27
N LEU A 274 -0.40 34.21 -14.09
CA LEU A 274 0.91 34.62 -14.56
C LEU A 274 0.94 34.90 -16.06
N TYR A 275 -0.20 34.75 -16.74
CA TYR A 275 -0.30 34.95 -18.18
C TYR A 275 -1.73 35.30 -18.50
N ASN A 276 -1.95 35.81 -19.70
CA ASN A 276 -3.28 36.16 -20.18
C ASN A 276 -3.90 34.94 -20.85
N LYS A 277 -5.01 34.46 -20.29
CA LYS A 277 -5.69 33.27 -20.81
C LYS A 277 -6.23 33.47 -22.22
N LYS A 278 -6.31 34.72 -22.70
CA LYS A 278 -6.81 34.98 -24.03
C LYS A 278 -6.01 34.25 -25.11
N HIS A 279 -4.72 34.00 -24.86
CA HIS A 279 -3.89 33.36 -25.86
C HIS A 279 -4.30 31.91 -26.10
N PHE A 280 -4.82 31.24 -25.07
CA PHE A 280 -5.37 29.91 -25.28
C PHE A 280 -6.70 29.98 -26.00
N GLU A 281 -7.55 30.94 -25.62
CA GLU A 281 -8.85 31.09 -26.29
C GLU A 281 -8.67 31.50 -27.75
N ASP A 282 -7.60 32.23 -28.06
CA ASP A 282 -7.33 32.64 -29.44
C ASP A 282 -7.07 31.46 -30.36
N ILE A 283 -6.67 30.31 -29.82
CA ILE A 283 -6.51 29.11 -30.63
C ILE A 283 -7.64 28.12 -30.39
N GLY A 284 -8.75 28.59 -29.84
CA GLY A 284 -9.95 27.79 -29.73
C GLY A 284 -9.97 26.79 -28.60
N ILE A 285 -9.12 26.94 -27.60
CA ILE A 285 -9.06 26.03 -26.45
C ILE A 285 -9.76 26.69 -25.27
N GLN A 286 -10.73 25.99 -24.69
CA GLN A 286 -11.40 26.52 -23.51
C GLN A 286 -10.44 26.61 -22.34
N HIS A 287 -10.55 27.69 -21.58
CA HIS A 287 -9.71 27.92 -20.41
C HIS A 287 -10.59 28.02 -19.17
N LEU A 288 -10.17 27.36 -18.10
CA LEU A 288 -10.95 27.29 -16.87
C LEU A 288 -10.04 27.50 -15.67
N ASP A 289 -10.45 28.39 -14.77
CA ASP A 289 -9.77 28.60 -13.49
C ASP A 289 -10.42 27.73 -12.42
N LEU A 290 -9.61 26.95 -11.71
CA LEU A 290 -10.03 26.26 -10.49
C LEU A 290 -8.97 26.48 -9.42
N ILE A 291 -8.73 27.74 -9.11
CA ILE A 291 -7.56 28.14 -8.35
C ILE A 291 -7.78 27.82 -6.88
N PHE A 292 -6.78 27.20 -6.27
CA PHE A 292 -6.70 27.05 -4.82
C PHE A 292 -5.25 27.23 -4.39
N GLU A 293 -5.04 27.39 -3.09
CA GLU A 293 -3.80 27.97 -2.59
C GLU A 293 -2.60 27.04 -2.80
N ASP A 294 -1.46 27.66 -3.11
CA ASP A 294 -0.20 26.95 -3.29
C ASP A 294 0.14 26.10 -2.07
N GLY A 295 0.57 24.86 -2.33
CA GLY A 295 0.97 23.96 -1.27
C GLY A 295 -0.17 23.47 -0.39
N THR A 296 -1.41 23.48 -0.90
CA THR A 296 -2.57 23.03 -0.14
C THR A 296 -3.34 22.00 -0.96
N CYS A 297 -4.42 21.48 -0.38
CA CYS A 297 -5.26 20.48 -1.00
C CYS A 297 -6.64 21.04 -1.33
N PRO A 298 -7.25 20.62 -2.44
CA PRO A 298 -8.52 21.23 -2.85
C PRO A 298 -9.72 20.64 -2.12
N ASP A 299 -10.72 21.50 -1.92
CA ASP A 299 -12.03 21.04 -1.46
C ASP A 299 -12.57 19.98 -2.40
N LEU A 300 -13.32 19.02 -1.85
CA LEU A 300 -13.87 17.96 -2.69
C LEU A 300 -14.85 18.51 -3.73
N SER A 301 -15.49 19.64 -3.43
CA SER A 301 -16.36 20.26 -4.43
C SER A 301 -15.56 20.68 -5.65
N ILE A 302 -14.35 21.20 -5.45
CA ILE A 302 -13.48 21.55 -6.56
C ILE A 302 -13.11 20.29 -7.34
N VAL A 303 -12.73 19.22 -6.64
CA VAL A 303 -12.34 17.98 -7.29
C VAL A 303 -13.50 17.42 -8.11
N LYS A 304 -14.70 17.42 -7.54
CA LYS A 304 -15.88 16.95 -8.26
C LYS A 304 -16.11 17.77 -9.53
N ASN A 305 -15.97 19.09 -9.43
CA ASN A 305 -16.09 19.93 -10.62
C ASN A 305 -15.04 19.57 -11.66
N PHE A 306 -13.79 19.40 -11.21
CA PHE A 306 -12.73 19.04 -12.15
C PHE A 306 -13.03 17.72 -12.84
N VAL A 307 -13.51 16.73 -12.10
CA VAL A 307 -13.76 15.42 -12.69
C VAL A 307 -14.87 15.50 -13.72
N GLY A 308 -15.93 16.26 -13.42
CA GLY A 308 -17.00 16.42 -14.39
C GLY A 308 -16.53 17.15 -15.64
N ALA A 309 -15.75 18.21 -15.46
CA ALA A 309 -15.17 18.92 -16.60
C ALA A 309 -14.34 17.98 -17.45
N ALA A 310 -13.46 17.20 -16.81
CA ALA A 310 -12.61 16.28 -17.57
C ALA A 310 -13.43 15.24 -18.30
N GLU A 311 -14.46 14.69 -17.64
CA GLU A 311 -15.31 13.69 -18.28
C GLU A 311 -16.01 14.27 -19.51
N THR A 312 -16.52 15.49 -19.40
CA THR A 312 -17.15 16.15 -20.54
C THR A 312 -16.19 16.25 -21.71
N ILE A 313 -14.96 16.72 -21.46
CA ILE A 313 -13.98 16.87 -22.52
C ILE A 313 -13.59 15.51 -23.09
N ILE A 314 -13.33 14.53 -22.22
CA ILE A 314 -12.91 13.20 -22.68
C ILE A 314 -14.01 12.58 -23.54
N LYS A 315 -15.26 12.70 -23.11
CA LYS A 315 -16.37 12.14 -23.89
C LYS A 315 -16.44 12.76 -25.28
N ARG A 316 -16.04 14.04 -25.40
CA ARG A 316 -15.99 14.66 -26.72
C ARG A 316 -14.70 14.33 -27.47
N GLY A 317 -13.80 13.56 -26.86
CA GLY A 317 -12.58 13.15 -27.53
C GLY A 317 -11.39 14.06 -27.37
N GLY A 318 -11.43 15.01 -26.42
CA GLY A 318 -10.34 15.95 -26.26
C GLY A 318 -9.45 15.64 -25.05
N LYS A 319 -8.30 16.32 -25.03
CA LYS A 319 -7.37 16.25 -23.90
C LYS A 319 -7.57 17.43 -22.96
N ILE A 320 -7.22 17.22 -21.70
CA ILE A 320 -7.21 18.27 -20.69
C ILE A 320 -5.78 18.53 -20.30
N ALA A 321 -5.37 19.79 -20.33
CA ALA A 321 -4.06 20.22 -19.88
C ALA A 321 -4.23 21.00 -18.58
N VAL A 322 -3.48 20.62 -17.55
CA VAL A 322 -3.66 21.19 -16.22
C VAL A 322 -2.33 21.76 -15.76
N HIS A 323 -2.37 22.96 -15.17
CA HIS A 323 -1.18 23.55 -14.61
C HIS A 323 -1.47 24.21 -13.27
N CYS A 324 -0.47 24.18 -12.41
CA CYS A 324 -0.40 25.09 -11.28
C CYS A 324 0.83 25.95 -11.51
N LYS A 325 1.57 26.32 -10.47
CA LYS A 325 2.81 27.02 -10.74
C LYS A 325 3.85 26.09 -11.37
N ALA A 326 4.13 24.96 -10.71
CA ALA A 326 5.11 24.01 -11.22
C ALA A 326 4.49 22.89 -12.05
N GLY A 327 3.17 22.69 -11.97
CA GLY A 327 2.57 21.54 -12.65
C GLY A 327 2.86 20.22 -11.98
N LEU A 328 3.09 20.23 -10.66
CA LEU A 328 3.42 19.02 -9.91
C LEU A 328 2.43 18.77 -8.77
N GLY A 329 2.34 19.72 -7.84
CA GLY A 329 1.59 19.50 -6.62
C GLY A 329 0.08 19.50 -6.81
N ARG A 330 -0.49 20.69 -6.86
CA ARG A 330 -1.94 20.83 -7.04
C ARG A 330 -2.43 20.10 -8.30
N THR A 331 -1.65 20.18 -9.38
CA THR A 331 -2.00 19.46 -10.60
C THR A 331 -2.14 17.96 -10.33
N GLY A 332 -1.22 17.39 -9.55
CA GLY A 332 -1.29 15.96 -9.26
C GLY A 332 -2.53 15.59 -8.46
N CYS A 333 -2.98 16.47 -7.56
CA CYS A 333 -4.20 16.20 -6.80
C CYS A 333 -5.38 15.93 -7.71
N LEU A 334 -5.60 16.81 -8.69
CA LEU A 334 -6.79 16.72 -9.51
C LEU A 334 -6.69 15.60 -10.55
N ILE A 335 -5.56 15.52 -11.26
CA ILE A 335 -5.39 14.45 -12.24
C ILE A 335 -5.36 13.10 -11.54
N GLY A 336 -4.70 13.03 -10.38
CA GLY A 336 -4.66 11.79 -9.63
C GLY A 336 -6.05 11.34 -9.20
N ALA A 337 -6.88 12.29 -8.76
CA ALA A 337 -8.24 11.95 -8.37
C ALA A 337 -9.01 11.37 -9.55
N HIS A 338 -8.83 11.96 -10.74
CA HIS A 338 -9.50 11.44 -11.92
C HIS A 338 -8.99 10.05 -12.28
N LEU A 339 -7.67 9.82 -12.16
CA LEU A 339 -7.13 8.51 -12.52
C LEU A 339 -7.64 7.43 -11.59
N ILE A 340 -7.76 7.74 -10.30
CA ILE A 340 -8.31 6.78 -9.34
C ILE A 340 -9.77 6.52 -9.65
N TYR A 341 -10.54 7.60 -9.83
CA TYR A 341 -11.94 7.50 -10.22
C TYR A 341 -12.11 6.62 -11.44
N THR A 342 -11.28 6.80 -12.46
CA THR A 342 -11.47 6.10 -13.73
C THR A 342 -10.93 4.68 -13.70
N TYR A 343 -9.74 4.47 -13.13
CA TYR A 343 -9.02 3.21 -13.32
C TYR A 343 -8.79 2.41 -12.05
N GLY A 344 -9.11 2.95 -10.87
CA GLY A 344 -9.00 2.16 -9.66
C GLY A 344 -7.61 1.99 -9.10
N PHE A 345 -6.66 2.82 -9.53
CA PHE A 345 -5.35 2.90 -8.85
C PHE A 345 -5.54 3.07 -7.35
N THR A 346 -4.68 2.44 -6.56
CA THR A 346 -4.51 2.94 -5.21
C THR A 346 -3.85 4.32 -5.28
N ALA A 347 -3.95 5.06 -4.17
CA ALA A 347 -3.27 6.36 -4.12
C ALA A 347 -1.78 6.20 -4.33
N ASN A 348 -1.17 5.21 -3.66
CA ASN A 348 0.27 5.00 -3.80
C ASN A 348 0.64 4.65 -5.23
N GLU A 349 -0.15 3.79 -5.88
CA GLU A 349 0.10 3.45 -7.28
C GLU A 349 -0.05 4.68 -8.17
N CYS A 350 -1.07 5.49 -7.89
CA CYS A 350 -1.31 6.67 -8.70
C CYS A 350 -0.13 7.64 -8.58
N ILE A 351 0.35 7.86 -7.36
CA ILE A 351 1.52 8.71 -7.18
C ILE A 351 2.73 8.12 -7.89
N GLY A 352 2.91 6.79 -7.77
CA GLY A 352 4.05 6.16 -8.42
C GLY A 352 4.00 6.30 -9.94
N PHE A 353 2.82 6.06 -10.53
CA PHE A 353 2.69 6.18 -11.98
C PHE A 353 2.86 7.63 -12.43
N LEU A 354 2.26 8.59 -11.70
CA LEU A 354 2.42 10.00 -12.08
C LEU A 354 3.89 10.41 -12.09
N ARG A 355 4.63 10.02 -11.05
CA ARG A 355 6.04 10.39 -10.96
C ARG A 355 6.89 9.64 -11.98
N PHE A 356 6.45 8.45 -12.39
CA PHE A 356 7.15 7.72 -13.44
C PHE A 356 7.09 8.47 -14.77
N ILE A 357 6.00 9.20 -15.03
CA ILE A 357 5.91 10.00 -16.23
C ILE A 357 6.45 11.41 -15.99
N ARG A 358 6.09 12.02 -14.87
CA ARG A 358 6.49 13.39 -14.55
C ARG A 358 7.00 13.43 -13.12
N PRO A 359 8.30 13.35 -12.91
CA PRO A 359 8.84 13.35 -11.53
C PRO A 359 8.37 14.54 -10.72
N GLY A 360 8.14 14.30 -9.41
CA GLY A 360 7.82 15.34 -8.47
C GLY A 360 6.34 15.60 -8.23
N MET A 361 5.45 14.93 -8.97
CA MET A 361 4.03 15.20 -8.82
C MET A 361 3.52 14.74 -7.46
N VAL A 362 2.59 15.51 -6.90
CA VAL A 362 1.91 15.28 -5.62
C VAL A 362 2.88 15.57 -4.48
N VAL A 363 2.73 16.74 -3.86
CA VAL A 363 3.79 17.33 -3.04
C VAL A 363 3.32 17.43 -1.60
N GLY A 364 4.18 17.01 -0.67
CA GLY A 364 3.97 17.21 0.75
C GLY A 364 2.66 16.65 1.26
N PRO A 365 1.86 17.49 1.92
CA PRO A 365 0.59 17.01 2.48
C PRO A 365 -0.41 16.54 1.44
N GLN A 366 -0.19 16.84 0.15
CA GLN A 366 -1.11 16.34 -0.86
C GLN A 366 -1.05 14.82 -0.98
N GLN A 367 0.08 14.22 -0.61
CA GLN A 367 0.19 12.77 -0.63
C GLN A 367 -0.78 12.13 0.36
N HIS A 368 -0.73 12.58 1.62
CA HIS A 368 -1.66 12.06 2.62
C HIS A 368 -3.10 12.36 2.23
N TRP A 369 -3.34 13.51 1.58
CA TRP A 369 -4.69 13.86 1.16
C TRP A 369 -5.21 12.88 0.10
N LEU A 370 -4.42 12.62 -0.92
CA LEU A 370 -4.82 11.65 -1.93
C LEU A 370 -5.06 10.28 -1.32
N TYR A 371 -4.20 9.91 -0.37
CA TYR A 371 -4.31 8.62 0.31
C TYR A 371 -5.60 8.52 1.11
N LEU A 372 -5.97 9.60 1.81
CA LEU A 372 -7.14 9.55 2.68
C LEU A 372 -8.45 9.69 1.91
N HIS A 373 -8.43 10.22 0.70
CA HIS A 373 -9.65 10.43 -0.08
C HIS A 373 -9.80 9.48 -1.25
N GLN A 374 -8.92 8.48 -1.39
CA GLN A 374 -8.98 7.64 -2.58
C GLN A 374 -10.30 6.88 -2.66
N ASN A 375 -10.86 6.48 -1.51
CA ASN A 375 -12.16 5.81 -1.51
C ASN A 375 -13.25 6.74 -2.02
N ASP A 376 -13.16 8.04 -1.68
CA ASP A 376 -14.13 9.00 -2.18
C ASP A 376 -14.13 9.05 -3.70
N PHE A 377 -12.95 9.17 -4.32
CA PHE A 377 -12.87 9.23 -5.78
C PHE A 377 -13.43 7.97 -6.42
N ARG A 378 -13.17 6.81 -5.80
CA ARG A 378 -13.67 5.55 -6.35
C ARG A 378 -15.18 5.45 -6.19
N GLU A 379 -15.71 5.86 -5.03
CA GLU A 379 -17.14 5.72 -4.78
C GLU A 379 -17.98 6.63 -5.68
N TRP A 380 -17.40 7.71 -6.22
CA TRP A 380 -18.15 8.61 -7.08
C TRP A 380 -18.66 7.90 -8.32
N LYS A 381 -17.98 6.82 -8.75
CA LYS A 381 -18.43 6.04 -9.90
C LYS A 381 -19.82 5.45 -9.65
N TYR A 382 -20.23 5.31 -8.38
CA TYR A 382 -21.52 4.72 -8.01
C TYR A 382 -22.52 5.71 -7.43
N THR A 383 -22.04 6.79 -6.82
CA THR A 383 -22.92 7.75 -6.16
C THR A 383 -23.17 9.01 -6.98
N THR A 384 -22.59 9.11 -8.19
CA THR A 384 -22.77 10.29 -9.02
C THR A 384 -22.94 9.88 -10.48
N ARG A 385 -23.47 10.82 -11.27
CA ARG A 385 -23.44 10.74 -12.72
C ARG A 385 -23.07 12.11 -13.28
N ILE A 386 -22.73 12.14 -14.56
CA ILE A 386 -22.51 13.40 -15.24
C ILE A 386 -23.86 14.09 -15.42
N SER A 387 -23.98 15.33 -14.93
CA SER A 387 -25.21 16.08 -15.09
C SER A 387 -25.55 16.27 -16.57
N LEU A 388 -26.84 16.43 -16.85
CA LEU A 388 -27.28 16.77 -18.19
C LEU A 388 -27.43 18.27 -18.38
N LYS A 389 -27.33 19.06 -17.31
CA LYS A 389 -27.40 20.51 -17.35
C LYS A 389 -26.00 21.10 -17.19
N PRO A 390 -25.59 21.99 -18.08
CA PRO A 390 -24.27 22.62 -17.93
C PRO A 390 -24.19 23.52 -16.70
N SER A 391 -22.96 23.70 -16.22
CA SER A 391 -22.69 24.48 -15.03
C SER A 391 -21.68 25.57 -15.35
N GLU A 392 -22.00 26.81 -15.00
CA GLU A 392 -21.11 27.92 -15.30
C GLU A 392 -19.92 27.98 -14.37
N ALA A 393 -19.93 27.23 -13.25
CA ALA A 393 -18.74 27.13 -12.42
C ALA A 393 -17.62 26.36 -13.11
N ILE A 394 -17.94 25.60 -14.16
CA ILE A 394 -16.90 24.94 -14.96
C ILE A 394 -17.09 25.33 -16.42
N GLY A 395 -17.41 26.60 -16.65
CA GLY A 395 -17.45 27.14 -17.99
C GLY A 395 -18.37 26.42 -18.96
N GLY A 396 -19.54 26.01 -18.49
CA GLY A 396 -20.50 25.35 -19.35
C GLY A 396 -20.31 23.86 -19.53
N LEU A 397 -19.32 23.26 -18.87
CA LEU A 397 -19.17 21.81 -18.89
C LEU A 397 -20.13 21.19 -17.87
N TYR A 398 -20.17 19.86 -17.83
CA TYR A 398 -21.17 19.17 -17.03
C TYR A 398 -20.54 18.61 -15.77
N PRO A 399 -21.05 18.95 -14.58
CA PRO A 399 -20.43 18.52 -13.34
C PRO A 399 -20.96 17.15 -12.87
N LEU A 400 -20.31 16.64 -11.83
CA LEU A 400 -20.81 15.46 -11.14
C LEU A 400 -21.98 15.86 -10.24
N ILE A 401 -23.06 15.11 -10.30
CA ILE A 401 -24.20 15.31 -9.42
C ILE A 401 -24.64 13.97 -8.86
N SER A 402 -25.24 14.00 -7.67
CA SER A 402 -25.72 12.79 -7.02
C SER A 402 -26.72 12.03 -7.89
N LEU A 403 -26.89 10.74 -7.61
CA LEU A 403 -27.93 9.97 -8.31
C LEU A 403 -29.30 10.62 -8.13
N GLU A 404 -29.50 11.33 -7.03
CA GLU A 404 -30.78 11.97 -6.72
C GLU A 404 -31.09 13.09 -7.70
N GLU A 405 -30.30 14.17 -7.67
CA GLU A 405 -30.51 15.27 -8.61
C GLU A 405 -30.54 14.79 -10.05
N TYR A 406 -29.87 13.68 -10.34
CA TYR A 406 -29.94 13.12 -11.68
C TYR A 406 -31.31 12.55 -11.98
N ARG A 407 -31.97 11.96 -10.97
CA ARG A 407 -33.29 11.37 -11.18
C ARG A 407 -34.30 12.44 -11.58
N LEU A 408 -34.35 13.55 -10.83
CA LEU A 408 -35.26 14.64 -11.16
C LEU A 408 -35.08 15.09 -12.61
N GLN A 409 -33.82 15.39 -12.98
CA GLN A 409 -33.47 15.84 -14.33
C GLN A 409 -34.13 15.02 -15.44
N GLU B 34 1.47 15.34 30.15
CA GLU B 34 2.10 16.60 30.48
C GLU B 34 3.45 16.34 31.12
N ASN B 35 3.56 15.17 31.75
CA ASN B 35 4.85 14.53 31.94
C ASN B 35 5.50 14.21 30.60
N LEU B 36 4.69 14.05 29.55
CA LEU B 36 5.18 13.78 28.20
C LEU B 36 5.49 15.06 27.41
N TYR B 37 4.63 16.07 27.50
CA TYR B 37 4.71 17.22 26.61
C TYR B 37 5.34 18.46 27.24
N PHE B 38 5.49 18.53 28.55
CA PHE B 38 6.02 19.72 29.21
C PHE B 38 7.23 19.44 30.09
N GLN B 39 7.86 18.28 29.94
CA GLN B 39 9.07 17.93 30.69
C GLN B 39 10.10 17.33 29.75
N GLY B 40 11.32 17.19 30.26
CA GLY B 40 12.40 16.58 29.52
C GLY B 40 13.70 17.29 29.78
N SER B 41 14.66 17.09 28.87
CA SER B 41 15.96 17.73 28.94
C SER B 41 15.98 18.97 28.04
N MET B 42 16.57 20.04 28.55
CA MET B 42 16.56 21.32 27.85
C MET B 42 17.89 21.61 27.17
N ASN B 50 22.60 8.28 15.77
CA ASN B 50 21.81 7.08 15.54
C ASN B 50 20.54 7.10 16.38
N THR B 51 19.89 8.26 16.38
CA THR B 51 18.74 8.53 17.24
C THR B 51 17.76 9.43 16.52
N ILE B 52 16.47 9.11 16.64
CA ILE B 52 15.38 9.82 15.96
C ILE B 52 14.55 10.56 17.00
N GLU B 53 14.25 11.82 16.73
CA GLU B 53 13.49 12.66 17.66
C GLU B 53 12.00 12.53 17.41
N PHE B 54 11.24 12.14 18.43
CA PHE B 54 9.79 12.13 18.38
C PHE B 54 9.17 13.30 19.14
N LEU B 55 9.71 13.65 20.30
CA LEU B 55 9.32 14.86 21.03
C LEU B 55 10.60 15.50 21.54
N ARG B 56 10.80 16.78 21.21
CA ARG B 56 12.07 17.43 21.47
C ARG B 56 12.42 17.39 22.95
N GLY B 57 13.61 16.87 23.25
CA GLY B 57 14.08 16.78 24.61
C GLY B 57 13.35 15.79 25.50
N ARG B 58 12.53 14.89 24.95
CA ARG B 58 11.74 14.03 25.82
C ARG B 58 11.64 12.58 25.32
N VAL B 59 11.40 12.38 24.02
CA VAL B 59 11.22 11.04 23.46
C VAL B 59 12.08 10.89 22.22
N TYR B 60 13.00 9.94 22.24
CA TYR B 60 13.87 9.63 21.11
C TYR B 60 13.87 8.14 20.85
N LEU B 61 14.24 7.77 19.63
CA LEU B 61 14.32 6.38 19.21
C LEU B 61 15.73 6.11 18.68
N GLY B 62 16.46 5.23 19.38
CA GLY B 62 17.83 4.93 19.04
C GLY B 62 18.01 3.47 18.65
N ALA B 63 19.20 3.18 18.14
CA ALA B 63 19.59 1.81 17.78
C ALA B 63 21.04 1.60 18.19
N TYR B 64 21.27 0.71 19.15
CA TYR B 64 22.61 0.47 19.69
C TYR B 64 22.84 -1.02 19.87
N ASP B 65 23.98 -1.51 19.40
CA ASP B 65 24.41 -2.87 19.68
C ASP B 65 25.20 -2.97 20.98
N TYR B 66 24.98 -2.03 21.89
CA TYR B 66 25.56 -2.04 23.23
C TYR B 66 24.54 -1.42 24.18
N THR B 67 24.92 -1.30 25.45
CA THR B 67 24.04 -0.73 26.46
C THR B 67 24.51 0.67 26.82
N PRO B 68 23.89 1.72 26.28
CA PRO B 68 24.34 3.08 26.60
C PRO B 68 24.13 3.43 28.06
N GLU B 69 24.98 4.32 28.56
CA GLU B 69 24.96 4.70 29.97
C GLU B 69 23.95 5.83 30.19
N ASP B 70 23.09 5.66 31.18
CA ASP B 70 22.23 6.73 31.61
C ASP B 70 23.06 7.89 32.15
N THR B 71 22.57 9.11 31.94
CA THR B 71 23.22 10.31 32.47
C THR B 71 22.18 11.16 33.19
N ASP B 72 22.63 12.30 33.71
CA ASP B 72 21.72 13.27 34.28
C ASP B 72 20.80 13.88 33.22
N GLU B 73 21.14 13.71 31.94
CA GLU B 73 20.33 14.24 30.84
C GLU B 73 19.55 13.16 30.11
N LEU B 74 19.98 11.89 30.19
CA LEU B 74 19.50 10.83 29.32
C LEU B 74 19.14 9.60 30.14
N VAL B 75 17.99 9.00 29.82
CA VAL B 75 17.65 7.66 30.29
C VAL B 75 17.32 6.80 29.08
N PHE B 76 18.01 5.67 28.95
CA PHE B 76 17.85 4.75 27.83
C PHE B 76 17.12 3.50 28.30
N PHE B 77 16.22 2.98 27.47
CA PHE B 77 15.63 1.69 27.79
C PHE B 77 15.34 0.91 26.52
N THR B 78 15.47 -0.41 26.63
CA THR B 78 15.09 -1.35 25.59
C THR B 78 14.18 -2.40 26.21
N VAL B 79 13.36 -3.04 25.38
CA VAL B 79 12.47 -4.10 25.82
C VAL B 79 12.70 -5.40 25.08
N GLU B 80 13.79 -5.47 24.31
CA GLU B 80 13.98 -6.52 23.32
C GLU B 80 14.10 -7.91 23.93
N ASP B 81 14.66 -8.02 25.13
CA ASP B 81 14.87 -9.34 25.72
C ASP B 81 13.58 -9.90 26.30
N ALA B 82 12.69 -9.04 26.80
CA ALA B 82 11.44 -9.47 27.41
C ALA B 82 10.27 -9.44 26.45
N ILE B 83 10.27 -8.52 25.48
CA ILE B 83 9.17 -8.31 24.55
C ILE B 83 9.71 -8.61 23.16
N PHE B 84 9.37 -9.78 22.62
CA PHE B 84 9.96 -10.21 21.36
C PHE B 84 8.93 -10.95 20.53
N TYR B 85 9.16 -10.93 19.22
CA TYR B 85 8.26 -11.53 18.24
C TYR B 85 8.64 -13.00 18.05
N ASN B 86 7.64 -13.87 18.03
CA ASN B 86 7.83 -15.31 17.81
C ASN B 86 7.52 -15.63 16.34
N SER B 87 8.57 -15.87 15.56
CA SER B 87 8.43 -16.07 14.13
C SER B 87 7.81 -17.44 13.81
N PHE B 88 6.90 -17.44 12.83
CA PHE B 88 6.46 -18.70 12.24
C PHE B 88 7.53 -19.28 11.32
N HIS B 89 8.05 -18.46 10.42
CA HIS B 89 9.12 -18.87 9.51
C HIS B 89 10.15 -17.76 9.42
N LEU B 90 10.02 -16.87 8.42
CA LEU B 90 10.93 -15.74 8.28
C LEU B 90 10.24 -14.41 8.50
N ASP B 91 8.97 -14.40 8.84
CA ASP B 91 8.34 -13.21 9.41
C ASP B 91 9.09 -12.81 10.68
N PHE B 92 9.17 -11.50 10.92
CA PHE B 92 9.87 -10.99 12.09
C PHE B 92 9.10 -9.91 12.83
N GLY B 93 7.93 -9.52 12.34
CA GLY B 93 7.19 -8.41 12.89
C GLY B 93 6.01 -8.09 11.99
N PRO B 94 5.22 -7.06 12.34
CA PRO B 94 5.44 -6.13 13.45
C PRO B 94 5.05 -6.71 14.81
N MET B 95 5.42 -6.00 15.88
CA MET B 95 4.97 -6.38 17.21
C MET B 95 3.45 -6.27 17.30
N ASN B 96 2.86 -7.09 18.16
CA ASN B 96 1.41 -7.16 18.24
C ASN B 96 0.88 -6.29 19.38
N ILE B 97 -0.45 -6.27 19.51
CA ILE B 97 -1.11 -5.36 20.45
C ILE B 97 -0.75 -5.71 21.89
N GLY B 98 -0.51 -6.99 22.19
CA GLY B 98 -0.08 -7.37 23.52
C GLY B 98 1.33 -6.87 23.82
N HIS B 99 2.25 -7.04 22.86
CA HIS B 99 3.57 -6.42 22.95
C HIS B 99 3.43 -4.93 23.22
N LEU B 100 2.57 -4.25 22.46
CA LEU B 100 2.43 -2.80 22.59
C LEU B 100 1.92 -2.42 23.97
N TYR B 101 0.91 -3.15 24.47
CA TYR B 101 0.37 -2.88 25.79
C TYR B 101 1.45 -2.98 26.85
N ARG B 102 2.28 -4.02 26.78
CA ARG B 102 3.35 -4.21 27.76
C ARG B 102 4.41 -3.14 27.63
N PHE B 103 4.71 -2.73 26.38
CA PHE B 103 5.65 -1.61 26.18
C PHE B 103 5.12 -0.34 26.80
N ALA B 104 3.82 -0.07 26.64
CA ALA B 104 3.25 1.17 27.15
C ALA B 104 3.35 1.25 28.66
N VAL B 105 3.12 0.12 29.35
CA VAL B 105 3.26 0.10 30.80
C VAL B 105 4.70 0.43 31.20
N ILE B 106 5.66 -0.20 30.53
CA ILE B 106 7.07 0.04 30.82
C ILE B 106 7.45 1.49 30.51
N PHE B 107 7.06 1.97 29.33
CA PHE B 107 7.33 3.34 28.93
C PHE B 107 6.77 4.34 29.95
N HIS B 108 5.54 4.10 30.40
CA HIS B 108 4.90 5.04 31.33
C HIS B 108 5.60 5.05 32.68
N GLU B 109 6.08 3.88 33.15
CA GLU B 109 6.80 3.83 34.40
C GLU B 109 8.08 4.66 34.34
N ILE B 110 8.76 4.63 33.19
CA ILE B 110 9.97 5.43 33.03
C ILE B 110 9.63 6.91 32.95
N LEU B 111 8.56 7.25 32.22
CA LEU B 111 8.17 8.65 32.10
C LEU B 111 7.72 9.21 33.44
N ASN B 112 7.04 8.40 34.27
CA ASN B 112 6.46 8.86 35.51
C ASN B 112 7.42 8.81 36.70
N ASP B 113 8.58 8.21 36.52
CA ASP B 113 9.60 8.20 37.55
C ASP B 113 10.06 9.63 37.83
N PRO B 114 9.88 10.15 39.05
CA PRO B 114 10.37 11.51 39.35
C PRO B 114 11.83 11.70 39.03
N GLU B 115 12.62 10.62 39.10
CA GLU B 115 14.03 10.68 38.75
C GLU B 115 14.25 11.12 37.32
N ASN B 116 13.30 10.85 36.42
CA ASN B 116 13.45 11.15 35.01
C ASN B 116 12.76 12.45 34.60
N ALA B 117 12.33 13.27 35.57
CA ALA B 117 11.48 14.42 35.25
C ALA B 117 12.16 15.42 34.33
N ASN B 118 13.49 15.49 34.36
CA ASN B 118 14.24 16.43 33.53
C ASN B 118 15.19 15.69 32.59
N LYS B 119 14.76 14.53 32.08
CA LYS B 119 15.59 13.72 31.21
C LYS B 119 14.89 13.47 29.88
N ALA B 120 15.69 13.27 28.84
CA ALA B 120 15.20 12.77 27.56
C ALA B 120 15.19 11.24 27.61
N VAL B 121 14.08 10.66 27.19
CA VAL B 121 13.92 9.20 27.18
C VAL B 121 14.28 8.68 25.80
N VAL B 122 15.24 7.76 25.74
CA VAL B 122 15.66 7.17 24.48
C VAL B 122 15.26 5.70 24.50
N PHE B 123 14.15 5.38 23.84
CA PHE B 123 13.79 3.99 23.59
C PHE B 123 14.68 3.46 22.47
N TYR B 124 15.26 2.28 22.67
CA TYR B 124 16.20 1.80 21.66
C TYR B 124 16.05 0.30 21.44
N SER B 125 16.54 -0.13 20.29
CA SER B 125 16.63 -1.53 19.88
C SER B 125 18.08 -1.84 19.55
N SER B 126 18.35 -3.11 19.25
CA SER B 126 19.59 -3.46 18.58
C SER B 126 19.55 -2.92 17.15
N ALA B 127 20.66 -3.09 16.43
CA ALA B 127 20.91 -2.31 15.22
C ALA B 127 20.53 -3.04 13.93
N SER B 128 19.91 -4.21 14.00
CA SER B 128 19.48 -4.86 12.77
C SER B 128 18.29 -4.12 12.17
N THR B 129 18.17 -4.18 10.84
CA THR B 129 17.07 -3.49 10.18
C THR B 129 15.72 -4.06 10.58
N ARG B 130 15.68 -5.34 10.95
CA ARG B 130 14.44 -5.95 11.41
C ARG B 130 14.06 -5.47 12.81
N GLN B 131 15.02 -5.48 13.73
CA GLN B 131 14.72 -5.03 15.10
C GLN B 131 14.42 -3.54 15.14
N ARG B 132 15.08 -2.74 14.30
CA ARG B 132 14.75 -1.32 14.26
C ARG B 132 13.34 -1.10 13.73
N ALA B 133 12.93 -1.87 12.71
CA ALA B 133 11.57 -1.76 12.19
C ALA B 133 10.55 -2.06 13.28
N ASN B 134 10.80 -3.13 14.05
CA ASN B 134 9.88 -3.50 15.12
C ASN B 134 9.79 -2.41 16.17
N ALA B 135 10.93 -1.88 16.61
CA ALA B 135 10.91 -0.83 17.63
C ALA B 135 10.23 0.43 17.12
N ALA B 136 10.55 0.85 15.90
CA ALA B 136 9.98 2.07 15.36
C ALA B 136 8.47 1.93 15.20
N CYS B 137 8.03 0.82 14.62
CA CYS B 137 6.60 0.61 14.40
C CYS B 137 5.85 0.53 15.72
N MET B 138 6.44 -0.12 16.73
CA MET B 138 5.77 -0.20 18.03
C MET B 138 5.66 1.16 18.70
N LEU B 139 6.70 1.99 18.60
CA LEU B 139 6.61 3.35 19.16
C LEU B 139 5.55 4.17 18.41
N CYS B 140 5.48 4.04 17.08
CA CYS B 140 4.44 4.70 16.31
C CYS B 140 3.05 4.24 16.76
N CYS B 141 2.86 2.93 16.90
CA CYS B 141 1.57 2.42 17.35
C CYS B 141 1.23 2.93 18.74
N TYR B 142 2.24 3.08 19.60
CA TYR B 142 2.01 3.67 20.90
C TYR B 142 1.42 5.08 20.76
N MET B 143 2.07 5.93 19.96
CA MET B 143 1.61 7.31 19.81
C MET B 143 0.22 7.36 19.21
N ILE B 144 -0.06 6.47 18.25
CA ILE B 144 -1.38 6.43 17.63
C ILE B 144 -2.44 6.03 18.64
N LEU B 145 -2.19 4.97 19.41
CA LEU B 145 -3.25 4.38 20.21
C LEU B 145 -3.37 5.00 21.59
N VAL B 146 -2.27 5.43 22.17
CA VAL B 146 -2.27 5.98 23.53
C VAL B 146 -2.31 7.49 23.54
N GLN B 147 -1.62 8.14 22.60
CA GLN B 147 -1.45 9.59 22.60
C GLN B 147 -2.24 10.30 21.51
N ALA B 148 -3.01 9.57 20.71
CA ALA B 148 -3.90 10.16 19.71
C ALA B 148 -3.14 10.96 18.65
N TRP B 149 -1.89 10.61 18.37
CA TRP B 149 -1.21 11.22 17.23
C TRP B 149 -1.87 10.75 15.93
N THR B 150 -1.65 11.53 14.86
CA THR B 150 -2.10 11.15 13.52
C THR B 150 -0.98 10.45 12.76
N PRO B 151 -1.31 9.73 11.68
CA PRO B 151 -0.26 9.00 10.95
C PRO B 151 0.90 9.87 10.48
N HIS B 152 0.63 11.05 9.89
CA HIS B 152 1.75 11.83 9.40
C HIS B 152 2.61 12.35 10.55
N GLN B 153 2.02 12.54 11.72
CA GLN B 153 2.80 12.95 12.89
C GLN B 153 3.79 11.87 13.32
N VAL B 154 3.37 10.60 13.31
CA VAL B 154 4.29 9.55 13.75
C VAL B 154 5.24 9.11 12.64
N LEU B 155 4.87 9.32 11.38
CA LEU B 155 5.72 8.87 10.28
C LEU B 155 6.78 9.88 9.90
N GLN B 156 6.54 11.17 10.14
CA GLN B 156 7.55 12.19 9.85
C GLN B 156 8.91 11.88 10.47
N PRO B 157 9.02 11.48 11.75
CA PRO B 157 10.35 11.19 12.28
C PRO B 157 11.05 10.04 11.59
N LEU B 158 10.31 9.10 11.00
CA LEU B 158 10.88 7.88 10.44
C LEU B 158 11.22 7.98 8.97
N ALA B 159 10.76 9.01 8.27
CA ALA B 159 10.93 9.06 6.82
C ALA B 159 12.40 9.21 6.45
N GLN B 160 12.81 8.47 5.42
CA GLN B 160 14.13 8.59 4.80
C GLN B 160 15.27 8.31 5.77
N VAL B 161 15.03 7.51 6.81
CA VAL B 161 16.10 7.11 7.71
C VAL B 161 17.06 6.19 6.96
N ASP B 162 18.36 6.37 7.22
CA ASP B 162 19.39 5.52 6.64
C ASP B 162 20.17 4.84 7.77
N PRO B 163 20.35 3.51 7.73
CA PRO B 163 19.76 2.62 6.73
C PRO B 163 18.26 2.47 6.93
N PRO B 164 17.53 2.16 5.86
CA PRO B 164 16.07 2.02 5.98
C PRO B 164 15.68 0.86 6.89
N PHE B 165 14.45 0.92 7.40
CA PHE B 165 13.87 -0.20 8.11
C PHE B 165 13.54 -1.33 7.15
N MET B 166 13.65 -2.56 7.65
CA MET B 166 13.26 -3.72 6.84
C MET B 166 11.75 -3.78 6.72
N PRO B 167 11.19 -3.82 5.50
CA PRO B 167 9.74 -3.99 5.36
C PRO B 167 9.30 -5.34 5.92
N PHE B 168 8.03 -5.41 6.33
CA PHE B 168 7.50 -6.62 6.93
C PHE B 168 7.06 -7.63 5.86
N ARG B 169 7.40 -8.90 6.08
CA ARG B 169 7.06 -9.98 5.16
C ARG B 169 6.08 -10.94 5.82
N ASP B 170 5.48 -11.81 4.99
CA ASP B 170 4.47 -12.75 5.46
C ASP B 170 5.12 -13.91 6.22
N ALA B 171 4.27 -14.80 6.72
CA ALA B 171 4.69 -15.90 7.57
C ALA B 171 4.75 -17.23 6.84
N GLY B 172 4.58 -17.23 5.52
CA GLY B 172 4.56 -18.46 4.75
C GLY B 172 5.95 -18.96 4.43
N TYR B 173 5.99 -20.09 3.75
CA TYR B 173 7.26 -20.76 3.47
C TYR B 173 7.85 -20.39 2.12
N SER B 174 7.04 -19.91 1.18
CA SER B 174 7.58 -19.49 -0.10
C SER B 174 8.39 -18.21 0.05
N ASN B 175 9.22 -17.94 -0.97
CA ASN B 175 10.00 -16.70 -0.97
C ASN B 175 9.06 -15.50 -0.92
N ALA B 176 9.46 -14.49 -0.15
CA ALA B 176 8.65 -13.29 -0.04
C ALA B 176 8.55 -12.59 -1.38
N ASP B 177 7.35 -12.05 -1.67
CA ASP B 177 7.15 -11.29 -2.90
C ASP B 177 6.19 -10.13 -2.67
N PHE B 178 5.87 -9.82 -1.42
CA PHE B 178 4.91 -8.78 -1.06
C PHE B 178 5.33 -8.26 0.30
N GLU B 179 5.40 -6.94 0.45
CA GLU B 179 5.83 -6.34 1.71
C GLU B 179 4.81 -5.30 2.15
N ILE B 180 4.65 -5.16 3.46
CA ILE B 180 3.94 -4.02 4.02
C ILE B 180 4.93 -3.23 4.85
N THR B 181 4.67 -1.93 4.98
CA THR B 181 5.59 -0.99 5.59
C THR B 181 5.04 -0.52 6.92
N ILE B 182 5.89 0.21 7.67
CA ILE B 182 5.42 0.86 8.88
C ILE B 182 4.27 1.82 8.54
N GLN B 183 4.39 2.52 7.41
CA GLN B 183 3.32 3.40 6.96
C GLN B 183 2.00 2.64 6.82
N ASP B 184 2.05 1.42 6.25
CA ASP B 184 0.85 0.60 6.12
C ASP B 184 0.29 0.24 7.49
N VAL B 185 1.16 -0.23 8.39
CA VAL B 185 0.69 -0.68 9.71
C VAL B 185 0.13 0.50 10.50
N VAL B 186 0.82 1.64 10.44
CA VAL B 186 0.38 2.82 11.18
C VAL B 186 -0.99 3.26 10.69
N TYR B 187 -1.17 3.35 9.37
CA TYR B 187 -2.46 3.76 8.82
C TYR B 187 -3.55 2.74 9.15
N GLY B 188 -3.21 1.45 9.13
CA GLY B 188 -4.21 0.43 9.45
C GLY B 188 -4.62 0.46 10.91
N VAL B 189 -3.64 0.57 11.81
CA VAL B 189 -3.94 0.63 13.24
C VAL B 189 -4.69 1.91 13.56
N TRP B 190 -4.32 3.02 12.90
CA TRP B 190 -5.02 4.28 13.14
C TRP B 190 -6.46 4.20 12.64
N ARG B 191 -6.67 3.67 11.43
CA ARG B 191 -8.04 3.56 10.93
C ARG B 191 -8.88 2.64 11.81
N ALA B 192 -8.28 1.53 12.29
CA ALA B 192 -9.02 0.61 13.15
C ALA B 192 -9.44 1.29 14.44
N LYS B 193 -8.55 2.07 15.04
CA LYS B 193 -8.90 2.86 16.22
C LYS B 193 -10.02 3.85 15.90
N GLU B 194 -9.90 4.56 14.78
CA GLU B 194 -10.94 5.52 14.41
C GLU B 194 -12.29 4.85 14.23
N LYS B 195 -12.32 3.60 13.77
CA LYS B 195 -13.56 2.88 13.57
C LYS B 195 -14.02 2.14 14.82
N GLY B 196 -13.32 2.30 15.95
CA GLY B 196 -13.73 1.66 17.18
C GLY B 196 -13.37 0.20 17.29
N LEU B 197 -12.41 -0.28 16.48
CA LEU B 197 -12.00 -1.67 16.51
C LEU B 197 -10.88 -1.93 17.49
N ILE B 198 -10.15 -0.90 17.90
CA ILE B 198 -9.10 -1.01 18.90
C ILE B 198 -9.42 -0.03 20.02
N ASP B 199 -9.33 -0.52 21.26
CA ASP B 199 -9.63 0.30 22.44
C ASP B 199 -8.72 -0.19 23.56
N LEU B 200 -7.53 0.42 23.64
CA LEU B 200 -6.54 -0.02 24.62
C LEU B 200 -7.03 0.11 26.05
N HIS B 201 -8.06 0.94 26.30
CA HIS B 201 -8.56 1.10 27.65
C HIS B 201 -9.35 -0.12 28.11
N SER B 202 -10.02 -0.83 27.21
CA SER B 202 -10.73 -2.05 27.54
C SER B 202 -9.93 -3.30 27.20
N PHE B 203 -8.70 -3.14 26.69
CA PHE B 203 -7.89 -4.28 26.28
C PHE B 203 -7.52 -5.13 27.48
N ASN B 204 -7.83 -6.42 27.42
CA ASN B 204 -7.55 -7.36 28.50
C ASN B 204 -6.30 -8.14 28.11
N LEU B 205 -5.16 -7.75 28.68
CA LEU B 205 -3.90 -8.37 28.31
C LEU B 205 -3.86 -9.84 28.71
N GLU B 206 -4.39 -10.17 29.90
CA GLU B 206 -4.37 -11.56 30.36
C GLU B 206 -5.14 -12.48 29.43
N SER B 207 -6.33 -12.05 28.99
CA SER B 207 -7.13 -12.87 28.07
C SER B 207 -6.43 -13.01 26.72
N TYR B 208 -5.87 -11.92 26.21
CA TYR B 208 -5.15 -11.95 24.93
C TYR B 208 -4.01 -12.97 24.98
N GLU B 209 -3.18 -12.89 26.01
CA GLU B 209 -2.01 -13.77 26.09
C GLU B 209 -2.41 -15.21 26.36
N LYS B 210 -3.50 -15.43 27.10
CA LYS B 210 -3.94 -16.79 27.37
C LYS B 210 -4.35 -17.50 26.09
N TYR B 211 -5.29 -16.91 25.36
CA TYR B 211 -5.92 -17.64 24.26
C TYR B 211 -5.08 -17.67 22.99
N GLU B 212 -4.01 -16.87 22.90
CA GLU B 212 -3.06 -17.04 21.82
C GLU B 212 -2.28 -18.35 21.94
N HIS B 213 -2.22 -18.93 23.13
CA HIS B 213 -1.50 -20.19 23.33
C HIS B 213 -2.23 -21.35 22.68
N VAL B 214 -1.44 -22.29 22.13
CA VAL B 214 -1.99 -23.47 21.48
C VAL B 214 -2.89 -24.26 22.42
N GLU B 215 -2.48 -24.40 23.69
CA GLU B 215 -3.25 -25.25 24.59
C GLU B 215 -4.58 -24.65 25.00
N PHE B 216 -4.81 -23.36 24.76
CA PHE B 216 -6.09 -22.75 25.05
C PHE B 216 -6.88 -22.39 23.79
N GLY B 217 -6.43 -22.86 22.63
CA GLY B 217 -7.21 -22.73 21.41
C GLY B 217 -6.57 -21.96 20.29
N ASP B 218 -5.47 -21.25 20.53
CA ASP B 218 -4.79 -20.47 19.48
C ASP B 218 -5.77 -19.57 18.74
N PHE B 219 -6.37 -18.62 19.47
CA PHE B 219 -7.29 -17.69 18.81
C PHE B 219 -7.07 -16.27 19.32
N ASN B 220 -7.62 -15.34 18.55
CA ASN B 220 -7.65 -13.92 18.89
C ASN B 220 -9.01 -13.37 18.54
N VAL B 221 -9.60 -12.62 19.47
CA VAL B 221 -10.71 -11.75 19.11
C VAL B 221 -10.13 -10.58 18.30
N LEU B 222 -10.50 -10.52 17.02
CA LEU B 222 -9.92 -9.51 16.12
C LEU B 222 -10.64 -8.17 16.22
N THR B 223 -11.97 -8.21 16.22
CA THR B 223 -12.84 -7.05 16.30
C THR B 223 -14.03 -7.44 17.17
N PRO B 224 -14.93 -6.52 17.50
CA PRO B 224 -16.18 -6.93 18.18
C PRO B 224 -17.00 -7.94 17.40
N ASP B 225 -16.72 -8.17 16.11
CA ASP B 225 -17.52 -9.09 15.31
C ASP B 225 -16.84 -10.40 14.97
N PHE B 226 -15.51 -10.49 15.06
CA PHE B 226 -14.77 -11.59 14.47
C PHE B 226 -13.76 -12.20 15.43
N ILE B 227 -13.70 -13.53 15.42
CA ILE B 227 -12.64 -14.29 16.05
C ILE B 227 -11.96 -15.10 14.95
N ALA B 228 -10.62 -15.12 14.97
CA ALA B 228 -9.84 -16.00 14.10
C ALA B 228 -9.18 -17.06 14.98
N PHE B 229 -9.29 -18.33 14.59
CA PHE B 229 -8.67 -19.37 15.38
C PHE B 229 -8.16 -20.50 14.50
N ALA B 230 -7.25 -21.29 15.07
CA ALA B 230 -6.79 -22.51 14.42
C ALA B 230 -7.84 -23.60 14.53
N SER B 231 -7.86 -24.49 13.56
CA SER B 231 -8.85 -25.56 13.60
C SER B 231 -8.69 -26.37 14.88
N PRO B 232 -9.77 -26.66 15.58
CA PRO B 232 -9.72 -27.71 16.60
C PRO B 232 -9.31 -29.02 15.96
N GLN B 233 -8.74 -29.91 16.77
CA GLN B 233 -8.36 -31.24 16.32
C GLN B 233 -8.94 -32.24 17.31
N GLU B 234 -9.89 -33.05 16.85
CA GLU B 234 -10.48 -34.06 17.70
C GLU B 234 -9.53 -35.25 17.81
N ASP B 235 -9.26 -35.67 19.05
CA ASP B 235 -8.43 -36.83 19.30
C ASP B 235 -9.02 -37.56 20.50
N HIS B 236 -8.23 -38.42 21.14
CA HIS B 236 -8.68 -39.20 22.29
C HIS B 236 -7.55 -39.27 23.30
N PRO B 237 -7.26 -38.17 23.98
CA PRO B 237 -6.10 -38.12 24.87
C PRO B 237 -6.25 -38.96 26.13
N LYS B 238 -7.46 -39.43 26.44
CA LYS B 238 -7.69 -40.32 27.57
C LYS B 238 -7.97 -41.75 27.14
N GLY B 239 -7.72 -42.07 25.88
CA GLY B 239 -7.99 -43.39 25.36
C GLY B 239 -9.41 -43.52 24.86
N TYR B 240 -9.85 -44.77 24.77
CA TYR B 240 -11.14 -45.10 24.17
C TYR B 240 -12.08 -45.80 25.15
N LEU B 241 -11.68 -45.95 26.41
CA LEU B 241 -12.49 -46.62 27.43
C LEU B 241 -12.84 -45.71 28.59
N ALA B 242 -12.50 -44.43 28.52
CA ALA B 242 -12.82 -43.46 29.59
C ALA B 242 -14.22 -42.92 29.34
N THR B 243 -15.21 -43.76 29.68
CA THR B 243 -16.58 -43.53 29.25
C THR B 243 -17.25 -42.37 29.97
N LYS B 244 -16.70 -41.91 31.10
CA LYS B 244 -17.26 -40.78 31.82
C LYS B 244 -16.34 -39.57 31.80
N SER B 245 -15.51 -39.47 30.76
CA SER B 245 -14.68 -38.30 30.51
C SER B 245 -14.90 -37.86 29.07
N SER B 246 -15.01 -36.56 28.86
CA SER B 246 -14.97 -36.03 27.50
C SER B 246 -13.68 -36.46 26.82
N HIS B 247 -13.78 -36.85 25.54
CA HIS B 247 -12.55 -37.07 24.77
C HIS B 247 -12.05 -35.78 24.13
N LEU B 248 -12.71 -34.65 24.37
CA LEU B 248 -12.23 -33.38 23.82
C LEU B 248 -10.94 -32.97 24.52
N ASN B 249 -9.98 -32.47 23.76
CA ASN B 249 -8.74 -32.03 24.39
C ASN B 249 -8.93 -30.61 24.95
N GLN B 250 -7.95 -30.19 25.74
CA GLN B 250 -8.06 -28.89 26.41
C GLN B 250 -8.26 -27.73 25.44
N PRO B 251 -7.53 -27.59 24.33
CA PRO B 251 -7.81 -26.46 23.43
C PRO B 251 -9.22 -26.48 22.86
N PHE B 252 -9.76 -27.65 22.55
CA PHE B 252 -11.12 -27.73 22.03
C PHE B 252 -12.13 -27.29 23.09
N LYS B 253 -11.98 -27.80 24.33
CA LYS B 253 -12.84 -27.36 25.43
C LYS B 253 -12.77 -25.85 25.62
N SER B 254 -11.56 -25.30 25.59
CA SER B 254 -11.37 -23.87 25.80
C SER B 254 -12.08 -23.04 24.73
N VAL B 255 -11.99 -23.48 23.47
CA VAL B 255 -12.64 -22.78 22.36
C VAL B 255 -14.16 -22.85 22.51
N LEU B 256 -14.70 -24.04 22.78
CA LEU B 256 -16.14 -24.17 22.92
C LEU B 256 -16.68 -23.30 24.04
N ASN B 257 -15.98 -23.30 25.18
CA ASN B 257 -16.49 -22.57 26.33
C ASN B 257 -16.39 -21.07 26.12
N PHE B 258 -15.27 -20.59 25.58
CA PHE B 258 -15.16 -19.17 25.29
C PHE B 258 -16.22 -18.73 24.29
N PHE B 259 -16.44 -19.54 23.24
CA PHE B 259 -17.43 -19.19 22.22
C PHE B 259 -18.83 -19.13 22.81
N ALA B 260 -19.17 -20.09 23.67
CA ALA B 260 -20.50 -20.08 24.29
C ALA B 260 -20.68 -18.88 25.20
N ASN B 261 -19.59 -18.43 25.84
CA ASN B 261 -19.66 -17.30 26.77
C ASN B 261 -19.50 -15.94 26.10
N ASN B 262 -19.18 -15.89 24.81
CA ASN B 262 -18.88 -14.60 24.19
C ASN B 262 -19.68 -14.39 22.91
N ASN B 263 -20.87 -14.99 22.84
CA ASN B 263 -21.87 -14.69 21.83
C ASN B 263 -21.40 -15.01 20.41
N VAL B 264 -20.58 -16.06 20.26
CA VAL B 264 -20.31 -16.59 18.92
C VAL B 264 -21.56 -17.31 18.44
N GLN B 265 -22.10 -16.88 17.31
CA GLN B 265 -23.30 -17.50 16.75
C GLN B 265 -23.04 -18.26 15.47
N LEU B 266 -21.84 -18.14 14.90
CA LEU B 266 -21.51 -18.86 13.67
C LEU B 266 -20.04 -19.20 13.70
N VAL B 267 -19.72 -20.45 13.38
CA VAL B 267 -18.35 -20.90 13.15
C VAL B 267 -18.22 -21.24 11.68
N VAL B 268 -17.21 -20.68 11.04
CA VAL B 268 -16.95 -20.90 9.61
C VAL B 268 -15.65 -21.69 9.48
N ARG B 269 -15.74 -22.87 8.86
CA ARG B 269 -14.59 -23.74 8.67
C ARG B 269 -14.12 -23.66 7.23
N LEU B 270 -12.82 -23.39 7.05
CA LEU B 270 -12.26 -23.20 5.71
C LEU B 270 -11.28 -24.30 5.31
N ASN B 271 -10.97 -25.24 6.20
CA ASN B 271 -10.03 -26.31 5.90
C ASN B 271 -10.73 -27.66 6.00
N SER B 272 -10.01 -28.70 5.56
CA SER B 272 -10.50 -30.06 5.64
C SER B 272 -10.92 -30.41 7.07
N HIS B 273 -11.75 -31.44 7.23
CA HIS B 273 -12.32 -31.75 8.54
C HIS B 273 -11.28 -32.39 9.45
N LEU B 274 -11.09 -31.80 10.63
CA LEU B 274 -10.25 -32.36 11.68
C LEU B 274 -11.04 -32.62 12.96
N TYR B 275 -12.34 -32.33 12.96
CA TYR B 275 -13.20 -32.52 14.12
C TYR B 275 -14.62 -32.68 13.60
N ASN B 276 -15.49 -33.18 14.47
CA ASN B 276 -16.91 -33.31 14.16
C ASN B 276 -17.63 -32.03 14.56
N LYS B 277 -18.32 -31.41 13.61
CA LYS B 277 -18.93 -30.11 13.84
C LYS B 277 -20.05 -30.17 14.88
N LYS B 278 -20.53 -31.37 15.23
CA LYS B 278 -21.61 -31.50 16.19
C LYS B 278 -21.27 -30.83 17.52
N HIS B 279 -19.99 -30.80 17.89
CA HIS B 279 -19.62 -30.21 19.17
C HIS B 279 -19.98 -28.73 19.23
N PHE B 280 -19.92 -28.03 18.10
CA PHE B 280 -20.37 -26.64 18.08
C PHE B 280 -21.90 -26.54 18.01
N GLU B 281 -22.52 -27.38 17.17
CA GLU B 281 -23.97 -27.30 17.01
C GLU B 281 -24.69 -27.70 18.29
N ASP B 282 -24.16 -28.69 19.03
CA ASP B 282 -24.76 -29.10 20.29
C ASP B 282 -24.70 -28.02 21.36
N ILE B 283 -23.83 -27.02 21.19
CA ILE B 283 -23.72 -25.93 22.14
C ILE B 283 -24.45 -24.69 21.66
N GLY B 284 -25.18 -24.79 20.55
CA GLY B 284 -26.03 -23.72 20.07
C GLY B 284 -25.42 -22.82 19.03
N ILE B 285 -24.33 -23.22 18.39
CA ILE B 285 -23.60 -22.38 17.44
C ILE B 285 -23.74 -22.98 16.05
N GLN B 286 -24.21 -22.18 15.10
CA GLN B 286 -24.28 -22.63 13.71
C GLN B 286 -22.88 -22.88 13.18
N HIS B 287 -22.75 -23.93 12.37
CA HIS B 287 -21.49 -24.32 11.76
C HIS B 287 -21.64 -24.30 10.25
N LEU B 288 -20.68 -23.68 9.57
CA LEU B 288 -20.72 -23.52 8.12
C LEU B 288 -19.36 -23.89 7.53
N ASP B 289 -19.39 -24.76 6.52
CA ASP B 289 -18.22 -25.08 5.70
C ASP B 289 -18.13 -24.13 4.51
N LEU B 290 -16.97 -23.50 4.35
CA LEU B 290 -16.61 -22.79 3.12
C LEU B 290 -15.16 -23.14 2.75
N ILE B 291 -14.94 -24.41 2.46
CA ILE B 291 -13.59 -24.96 2.44
C ILE B 291 -12.93 -24.65 1.11
N PHE B 292 -11.68 -24.17 1.17
CA PHE B 292 -10.82 -24.13 -0.02
C PHE B 292 -9.41 -24.54 0.43
N GLU B 293 -8.58 -24.87 -0.55
CA GLU B 293 -7.35 -25.60 -0.28
C GLU B 293 -6.30 -24.72 0.42
N ASP B 294 -5.44 -25.39 1.18
CA ASP B 294 -4.41 -24.71 1.98
C ASP B 294 -3.56 -23.80 1.11
N GLY B 295 -3.38 -22.56 1.57
CA GLY B 295 -2.53 -21.60 0.91
C GLY B 295 -3.10 -20.95 -0.33
N THR B 296 -4.30 -21.32 -0.76
CA THR B 296 -4.90 -20.78 -1.97
C THR B 296 -5.80 -19.60 -1.65
N CYS B 297 -6.35 -18.98 -2.70
CA CYS B 297 -7.24 -17.85 -2.60
C CYS B 297 -8.67 -18.26 -2.96
N PRO B 298 -9.68 -17.75 -2.24
CA PRO B 298 -11.05 -18.20 -2.48
C PRO B 298 -11.67 -17.54 -3.72
N ASP B 299 -12.49 -18.33 -4.43
CA ASP B 299 -13.34 -17.76 -5.46
C ASP B 299 -14.21 -16.67 -4.86
N LEU B 300 -14.50 -15.64 -5.66
CA LEU B 300 -15.28 -14.52 -5.14
C LEU B 300 -16.68 -14.96 -4.72
N SER B 301 -17.20 -16.04 -5.29
CA SER B 301 -18.48 -16.56 -4.85
C SER B 301 -18.42 -17.02 -3.40
N ILE B 302 -17.30 -17.63 -3.00
CA ILE B 302 -17.12 -18.00 -1.59
C ILE B 302 -17.05 -16.75 -0.73
N VAL B 303 -16.31 -15.73 -1.20
CA VAL B 303 -16.20 -14.48 -0.43
C VAL B 303 -17.56 -13.83 -0.30
N LYS B 304 -18.34 -13.80 -1.38
CA LYS B 304 -19.66 -13.20 -1.32
C LYS B 304 -20.56 -13.92 -0.33
N ASN B 305 -20.54 -15.26 -0.37
CA ASN B 305 -21.30 -16.03 0.59
C ASN B 305 -20.85 -15.74 2.02
N PHE B 306 -19.54 -15.61 2.25
CA PHE B 306 -19.05 -15.32 3.59
C PHE B 306 -19.51 -13.96 4.08
N VAL B 307 -19.40 -12.93 3.22
CA VAL B 307 -19.79 -11.59 3.65
C VAL B 307 -21.27 -11.55 4.00
N GLY B 308 -22.11 -12.21 3.18
CA GLY B 308 -23.53 -12.24 3.48
C GLY B 308 -23.83 -12.97 4.78
N ALA B 309 -23.21 -14.14 4.96
CA ALA B 309 -23.36 -14.87 6.21
C ALA B 309 -22.94 -14.01 7.40
N ALA B 310 -21.78 -13.36 7.31
CA ALA B 310 -21.30 -12.53 8.41
C ALA B 310 -22.25 -11.35 8.64
N GLU B 311 -22.72 -10.73 7.56
CA GLU B 311 -23.65 -9.61 7.72
C GLU B 311 -24.92 -10.03 8.45
N THR B 312 -25.45 -11.21 8.12
CA THR B 312 -26.64 -11.70 8.80
C THR B 312 -26.40 -11.85 10.29
N ILE B 313 -25.27 -12.43 10.66
CA ILE B 313 -24.97 -12.67 12.07
C ILE B 313 -24.71 -11.34 12.79
N ILE B 314 -24.00 -10.42 12.14
CA ILE B 314 -23.73 -9.14 12.78
C ILE B 314 -25.02 -8.37 13.03
N LYS B 315 -25.96 -8.43 12.07
CA LYS B 315 -27.24 -7.77 12.26
C LYS B 315 -27.98 -8.30 13.48
N ARG B 316 -27.73 -9.56 13.85
CA ARG B 316 -28.31 -10.14 15.06
C ARG B 316 -27.48 -9.86 16.30
N GLY B 317 -26.39 -9.12 16.17
CA GLY B 317 -25.52 -8.85 17.30
C GLY B 317 -24.53 -9.94 17.64
N GLY B 318 -24.40 -10.97 16.80
CA GLY B 318 -23.52 -12.09 17.10
C GLY B 318 -22.10 -11.92 16.58
N LYS B 319 -21.22 -12.80 17.04
CA LYS B 319 -19.85 -12.89 16.56
C LYS B 319 -19.71 -14.07 15.61
N ILE B 320 -18.76 -13.95 14.69
CA ILE B 320 -18.39 -15.02 13.77
C ILE B 320 -16.97 -15.45 14.09
N ALA B 321 -16.79 -16.74 14.33
CA ALA B 321 -15.47 -17.31 14.54
C ALA B 321 -15.07 -18.08 13.28
N VAL B 322 -13.89 -17.78 12.74
CA VAL B 322 -13.45 -18.33 11.46
C VAL B 322 -12.15 -19.07 11.68
N HIS B 323 -12.04 -20.29 11.15
CA HIS B 323 -10.79 -21.01 11.20
C HIS B 323 -10.48 -21.64 9.85
N CYS B 324 -9.19 -21.72 9.55
CA CYS B 324 -8.64 -22.69 8.61
C CYS B 324 -7.77 -23.65 9.43
N LYS B 325 -6.71 -24.20 8.83
CA LYS B 325 -5.81 -25.03 9.62
C LYS B 325 -5.14 -24.21 10.72
N ALA B 326 -4.49 -23.11 10.34
CA ALA B 326 -3.77 -22.28 11.28
C ALA B 326 -4.55 -21.04 11.72
N GLY B 327 -5.66 -20.71 11.06
CA GLY B 327 -6.36 -19.48 11.36
C GLY B 327 -5.61 -18.23 10.95
N LEU B 328 -4.76 -18.34 9.93
CA LEU B 328 -3.93 -17.22 9.49
C LEU B 328 -4.20 -16.84 8.05
N GLY B 329 -3.99 -17.76 7.11
CA GLY B 329 -4.04 -17.44 5.69
C GLY B 329 -5.43 -17.32 5.10
N ARG B 330 -6.05 -18.47 4.85
CA ARG B 330 -7.42 -18.48 4.33
C ARG B 330 -8.36 -17.67 5.22
N THR B 331 -8.19 -17.77 6.54
CA THR B 331 -9.03 -17.00 7.46
C THR B 331 -8.86 -15.50 7.24
N GLY B 332 -7.61 -15.05 7.09
CA GLY B 332 -7.37 -13.65 6.81
C GLY B 332 -7.95 -13.16 5.50
N CYS B 333 -8.03 -14.04 4.50
CA CYS B 333 -8.64 -13.68 3.22
C CYS B 333 -10.09 -13.25 3.41
N LEU B 334 -10.87 -14.05 4.15
CA LEU B 334 -12.30 -13.80 4.25
C LEU B 334 -12.60 -12.68 5.24
N ILE B 335 -11.98 -12.71 6.42
CA ILE B 335 -12.18 -11.63 7.37
C ILE B 335 -11.65 -10.32 6.80
N GLY B 336 -10.50 -10.38 6.13
CA GLY B 336 -9.95 -9.16 5.54
C GLY B 336 -10.86 -8.56 4.49
N ALA B 337 -11.46 -9.41 3.65
CA ALA B 337 -12.42 -8.92 2.67
C ALA B 337 -13.60 -8.22 3.35
N HIS B 338 -14.09 -8.79 4.46
CA HIS B 338 -15.22 -8.17 5.15
C HIS B 338 -14.82 -6.85 5.80
N LEU B 339 -13.60 -6.78 6.35
CA LEU B 339 -13.13 -5.52 6.93
C LEU B 339 -13.01 -4.43 5.87
N ILE B 340 -12.54 -4.79 4.67
CA ILE B 340 -12.41 -3.81 3.60
C ILE B 340 -13.79 -3.37 3.13
N TYR B 341 -14.70 -4.34 2.96
CA TYR B 341 -16.08 -4.05 2.58
C TYR B 341 -16.76 -3.15 3.60
N THR B 342 -16.51 -3.37 4.89
CA THR B 342 -17.20 -2.63 5.93
C THR B 342 -16.55 -1.27 6.18
N TYR B 343 -15.23 -1.23 6.29
CA TYR B 343 -14.55 -0.07 6.86
C TYR B 343 -13.66 0.69 5.88
N GLY B 344 -13.46 0.17 4.66
CA GLY B 344 -12.70 0.92 3.67
C GLY B 344 -11.20 0.86 3.80
N PHE B 345 -10.66 -0.04 4.63
CA PHE B 345 -9.22 -0.28 4.69
C PHE B 345 -8.65 -0.47 3.29
N THR B 346 -7.43 0.01 3.07
CA THR B 346 -6.66 -0.54 1.96
C THR B 346 -6.25 -1.97 2.30
N ALA B 347 -5.87 -2.73 1.27
CA ALA B 347 -5.43 -4.10 1.52
C ALA B 347 -4.19 -4.13 2.41
N ASN B 348 -3.24 -3.21 2.17
CA ASN B 348 -2.05 -3.15 3.02
C ASN B 348 -2.41 -2.80 4.46
N GLU B 349 -3.31 -1.82 4.65
CA GLU B 349 -3.77 -1.47 6.00
C GLU B 349 -4.46 -2.66 6.65
N CYS B 350 -5.30 -3.36 5.89
CA CYS B 350 -6.03 -4.49 6.44
C CYS B 350 -5.07 -5.57 6.90
N ILE B 351 -4.06 -5.87 6.09
CA ILE B 351 -3.08 -6.89 6.47
C ILE B 351 -2.32 -6.43 7.71
N GLY B 352 -1.90 -5.16 7.73
CA GLY B 352 -1.17 -4.66 8.89
C GLY B 352 -1.97 -4.72 10.18
N PHE B 353 -3.25 -4.31 10.11
CA PHE B 353 -4.12 -4.38 11.28
C PHE B 353 -4.32 -5.81 11.75
N LEU B 354 -4.64 -6.72 10.82
CA LEU B 354 -4.84 -8.11 11.20
C LEU B 354 -3.62 -8.68 11.88
N ARG B 355 -2.42 -8.37 11.36
CA ARG B 355 -1.21 -8.94 11.94
C ARG B 355 -0.85 -8.28 13.26
N PHE B 356 -1.25 -7.03 13.45
CA PHE B 356 -1.09 -6.36 14.74
C PHE B 356 -1.87 -7.08 15.85
N ILE B 357 -3.03 -7.64 15.51
CA ILE B 357 -3.79 -8.40 16.51
C ILE B 357 -3.37 -9.87 16.50
N ARG B 358 -3.25 -10.47 15.32
CA ARG B 358 -2.92 -11.90 15.18
C ARG B 358 -1.78 -12.04 14.18
N PRO B 359 -0.54 -12.15 14.65
CA PRO B 359 0.60 -12.20 13.74
C PRO B 359 0.47 -13.34 12.72
N GLY B 360 0.91 -13.06 11.51
CA GLY B 360 0.98 -14.06 10.46
C GLY B 360 -0.22 -14.17 9.55
N MET B 361 -1.27 -13.37 9.76
CA MET B 361 -2.46 -13.50 8.91
C MET B 361 -2.15 -13.05 7.48
N VAL B 362 -2.82 -13.72 6.52
CA VAL B 362 -2.73 -13.51 5.07
C VAL B 362 -1.35 -13.93 4.56
N VAL B 363 -1.30 -15.06 3.87
CA VAL B 363 -0.05 -15.78 3.61
C VAL B 363 0.20 -15.87 2.12
N GLY B 364 1.44 -15.60 1.72
CA GLY B 364 1.89 -15.85 0.36
C GLY B 364 1.07 -15.12 -0.69
N PRO B 365 0.61 -15.86 -1.70
CA PRO B 365 -0.16 -15.23 -2.79
C PRO B 365 -1.48 -14.63 -2.34
N GLN B 366 -1.94 -14.93 -1.12
CA GLN B 366 -3.15 -14.32 -0.63
C GLN B 366 -2.98 -12.82 -0.41
N GLN B 367 -1.74 -12.35 -0.20
CA GLN B 367 -1.50 -10.93 -0.07
C GLN B 367 -1.77 -10.19 -1.38
N HIS B 368 -1.19 -10.68 -2.48
CA HIS B 368 -1.47 -10.08 -3.78
C HIS B 368 -2.95 -10.20 -4.15
N TRP B 369 -3.58 -11.29 -3.75
CA TRP B 369 -5.01 -11.48 -4.03
C TRP B 369 -5.85 -10.43 -3.34
N LEU B 370 -5.61 -10.21 -2.04
CA LEU B 370 -6.33 -9.16 -1.32
C LEU B 370 -6.05 -7.80 -1.93
N TYR B 371 -4.77 -7.55 -2.26
CA TYR B 371 -4.38 -6.28 -2.87
C TYR B 371 -5.11 -6.03 -4.18
N LEU B 372 -5.27 -7.07 -4.98
CA LEU B 372 -5.86 -6.89 -6.30
C LEU B 372 -7.38 -6.86 -6.28
N HIS B 373 -8.02 -7.40 -5.25
CA HIS B 373 -9.48 -7.43 -5.19
C HIS B 373 -10.07 -6.42 -4.22
N GLN B 374 -9.24 -5.56 -3.61
CA GLN B 374 -9.74 -4.67 -2.57
C GLN B 374 -10.81 -3.72 -3.11
N ASN B 375 -10.67 -3.27 -4.36
CA ASN B 375 -11.72 -2.44 -4.95
C ASN B 375 -13.03 -3.21 -5.08
N ASP B 376 -12.94 -4.50 -5.47
CA ASP B 376 -14.13 -5.35 -5.53
C ASP B 376 -14.85 -5.37 -4.19
N PHE B 377 -14.12 -5.66 -3.11
CA PHE B 377 -14.73 -5.76 -1.78
C PHE B 377 -15.37 -4.45 -1.37
N ARG B 378 -14.64 -3.34 -1.54
CA ARG B 378 -15.11 -2.05 -1.06
C ARG B 378 -16.37 -1.62 -1.79
N GLU B 379 -16.44 -1.90 -3.08
CA GLU B 379 -17.50 -1.41 -3.92
C GLU B 379 -18.70 -2.36 -4.00
N TRP B 380 -18.62 -3.53 -3.35
CA TRP B 380 -19.83 -4.32 -3.13
C TRP B 380 -20.86 -3.55 -2.32
N LYS B 381 -20.43 -2.58 -1.52
CA LYS B 381 -21.38 -1.74 -0.78
C LYS B 381 -22.33 -1.02 -1.72
N TYR B 382 -21.95 -0.85 -2.99
CA TYR B 382 -22.77 -0.17 -3.99
C TYR B 382 -23.36 -1.10 -5.03
N THR B 383 -22.70 -2.22 -5.33
CA THR B 383 -23.12 -3.12 -6.40
C THR B 383 -23.86 -4.35 -5.89
N THR B 384 -24.05 -4.50 -4.58
CA THR B 384 -24.75 -5.64 -4.02
C THR B 384 -25.65 -5.19 -2.87
N ARG B 385 -26.56 -6.09 -2.47
CA ARG B 385 -27.39 -5.91 -1.28
C ARG B 385 -27.56 -7.26 -0.61
N ILE B 386 -27.99 -7.22 0.65
CA ILE B 386 -28.30 -8.45 1.38
C ILE B 386 -29.63 -9.01 0.86
N SER B 387 -29.58 -10.21 0.31
CA SER B 387 -30.78 -10.85 -0.23
C SER B 387 -31.85 -10.98 0.85
N LEU B 388 -33.11 -10.90 0.42
CA LEU B 388 -34.23 -11.06 1.32
C LEU B 388 -34.63 -12.53 1.50
N LYS B 389 -34.13 -13.43 0.66
CA LYS B 389 -34.46 -14.83 0.84
C LYS B 389 -33.25 -15.63 1.30
N PRO B 390 -33.44 -16.64 2.14
CA PRO B 390 -32.30 -17.39 2.69
C PRO B 390 -31.68 -18.29 1.64
N SER B 391 -30.40 -18.60 1.84
CA SER B 391 -29.64 -19.44 0.94
C SER B 391 -29.19 -20.70 1.66
N GLU B 392 -29.42 -21.86 1.04
CA GLU B 392 -28.97 -23.12 1.61
C GLU B 392 -27.46 -23.21 1.64
N ALA B 393 -26.78 -22.53 0.70
CA ALA B 393 -25.32 -22.61 0.63
C ALA B 393 -24.67 -22.04 1.88
N ILE B 394 -25.34 -21.14 2.59
CA ILE B 394 -24.80 -20.61 3.85
C ILE B 394 -25.78 -20.91 4.99
N GLY B 395 -26.42 -22.08 4.93
CA GLY B 395 -27.20 -22.58 6.06
C GLY B 395 -28.37 -21.71 6.48
N GLY B 396 -29.05 -21.09 5.52
CA GLY B 396 -30.20 -20.27 5.84
C GLY B 396 -29.92 -18.82 6.13
N LEU B 397 -28.65 -18.40 6.14
CA LEU B 397 -28.33 -16.99 6.24
C LEU B 397 -28.55 -16.34 4.87
N TYR B 398 -28.37 -15.02 4.79
CA TYR B 398 -28.74 -14.28 3.59
C TYR B 398 -27.51 -13.88 2.79
N PRO B 399 -27.42 -14.28 1.52
CA PRO B 399 -26.21 -13.99 0.73
C PRO B 399 -26.23 -12.58 0.17
N LEU B 400 -25.06 -12.16 -0.30
CA LEU B 400 -24.96 -10.95 -1.10
C LEU B 400 -25.50 -11.22 -2.50
N ILE B 401 -26.41 -10.37 -2.97
CA ILE B 401 -26.96 -10.50 -4.31
C ILE B 401 -26.81 -9.18 -5.06
N SER B 402 -26.82 -9.29 -6.39
CA SER B 402 -26.69 -8.16 -7.29
C SER B 402 -27.74 -7.09 -7.00
N LEU B 403 -27.50 -5.87 -7.48
CA LEU B 403 -28.44 -4.79 -7.24
C LEU B 403 -29.73 -4.98 -8.03
N GLU B 404 -29.65 -5.59 -9.21
CA GLU B 404 -30.84 -5.80 -10.01
C GLU B 404 -31.79 -6.80 -9.38
N GLU B 405 -31.27 -7.74 -8.59
CA GLU B 405 -32.11 -8.77 -7.98
C GLU B 405 -32.80 -8.27 -6.71
N TYR B 406 -32.08 -7.52 -5.88
CA TYR B 406 -32.73 -6.88 -4.74
C TYR B 406 -33.83 -5.93 -5.20
N ARG B 407 -33.72 -5.40 -6.42
CA ARG B 407 -34.81 -4.63 -7.02
C ARG B 407 -36.05 -5.52 -7.20
N LEU B 408 -35.88 -6.66 -7.88
CA LEU B 408 -36.96 -7.60 -8.12
C LEU B 408 -37.69 -7.96 -6.84
N GLN B 409 -37.01 -8.64 -5.93
CA GLN B 409 -37.57 -9.11 -4.66
C GLN B 409 -38.41 -8.05 -3.95
#